data_8RCB
#
_entry.id   8RCB
#
_cell.length_a   64.433
_cell.length_b   123.085
_cell.length_c   148.138
_cell.angle_alpha   90.000
_cell.angle_beta   90.000
_cell.angle_gamma   90.000
#
_symmetry.space_group_name_H-M   'P 21 21 21'
#
loop_
_entity.id
_entity.type
_entity.pdbx_description
1 polymer 'Formate dehydrogenase, alpha subunit, selenocysteine-containing'
2 polymer 'Formate dehydrogenase, beta subunit, putative'
3 non-polymer '2-AMINO-5,6-DIMERCAPTO-7-METHYL-3,7,8A,9-TETRAHYDRO-8-OXA-1,3,9,10-TETRAAZA-ANTHRACEN-4-ONE GUANOSINE DINUCLEOTIDE'
4 non-polymer 'IRON/SULFUR CLUSTER'
5 non-polymer 'TUNGSTEN ION'
6 non-polymer 'HYDROSULFURIC ACID'
7 non-polymer GLYCEROL
8 non-polymer DI(HYDROXYETHYL)ETHER
9 non-polymer 1,2-ETHANEDIOL
10 non-polymer 'OXYGEN MOLECULE'
11 water water
#
loop_
_entity_poly.entity_id
_entity_poly.type
_entity_poly.pdbx_seq_one_letter_code
_entity_poly.pdbx_strand_id
1 'polypeptide(L)'
;MTVTRRHFLKLSAGAAVAGAFTGLGLSLAPTVARAELQKLQWAKQTTSICCYCAVGCGLIVHTAKDGQGRAVNVEGDPDH
PINEGSLCPKGASIFQLGENDQRGTQPLYRAPFSDTWKPVTWDFALTEIAKRIKKTRDASFTEKNAAGDLVNRTEAIASF
GSAAMDNEECWAYGNILRSLGLVYIEHQARIUHSPTVPALAESFGRGAMTNHWNDLANSDCILIMGSNAAENHPIAFKWV
LRAKDKGATLIHVDPRFTRTSARCDVYAPIRSGADIPFLGGLIKYILDNKLYFTDYVREYTNASLIVGEKFSFKDGLFSG
YDAANKKYDKSMWAFELDANGVPKRDPALKHPRCVINLLKKHYERYNLDKVAAITGTSKEQLQQVYKAYAATGKPDKAGT
IMYAMGWTQHSVGVQNIRAMAMIQLLLGNIGVAGGGVNALRGESNVQGSTDQGLLAHIWPGYNPVPNSKAATLELYNAAT
PQSKDPMSVNWWQNRPKYVASYLKALYPDEEPAAAYDYLPRIDAGRKLTDYFWLNIFEKMDKGEFKGLFAWGMNPACGGA
NANKNRKAMGKLEWLVNVNLFENETSSFWKGPGMNPAEIGTEVFFLPCCVSIEKEGSVANSGRWMQWRYRGPKPYAETKP
DGDIMLDMFKKVRELYAKEGGAYPAPIAKLNIADWEEHNEFSPTKVAKLMNGYFLKDTEVGGKQFKKGQQVPSFAFLTAD
GSTCSGNWLHAGSFTDAGNLMARRDKTQTPEQARIGLFPNWSFCWPVNRRILYNRASVDKTGKPWNPAKAVIEWKDGKWV
GDVVDGGGDPGTKHPFIMQTHGFGALYGPGREEGPFPEHYEPLECPVSKNPFSKQLHNPVAFQIEGEKKAVCDPRYPFIG
TTYRVTEHWQTGLMTRRCAWLVEAEPQIFCEISKELAKLRGIGNGDTVKVSSLRGALEAVAIVTERIRPFKIEGVDVHMV
GLPWHYGWMVPKNGGDTANLLTPSAGDPNTGIPETKAFMVDVRKVWSHPQFEK
;
A
2 'polypeptide(L)'
;GKMFFVDLSRCTACRGCQIACKQWKNLPAEETRNTGSHQNPPDLSYVTLKTVRFTEKSRKGPGIDWLFFPEQCRHCVEPP
CKGQADVDLEGAVVKDETTGAVLFTELTAKVDGESVRSACPYDIPRIDPVTKRLSKCDMCNDRVQNGLLPACVKTCPTGT
MNFGDEQEMLALAEKRLAEVKKTYPGAVLGDPNDVRVVYLFTRDPKDFYEHAVA
;
B
#
loop_
_chem_comp.id
_chem_comp.type
_chem_comp.name
_chem_comp.formula
EDO non-polymer 1,2-ETHANEDIOL 'C2 H6 O2'
GOL non-polymer GLYCEROL 'C3 H8 O3'
H2S non-polymer 'HYDROSULFURIC ACID' 'H2 S'
MGD non-polymer '2-AMINO-5,6-DIMERCAPTO-7-METHYL-3,7,8A,9-TETRAHYDRO-8-OXA-1,3,9,10-TETRAAZA-ANTHRACEN-4-ONE GUANOSINE DINUCLEOTIDE' 'C20 H26 N10 O13 P2 S2'
OXY non-polymer 'OXYGEN MOLECULE' O2
PEG non-polymer DI(HYDROXYETHYL)ETHER 'C4 H10 O3'
SF4 non-polymer 'IRON/SULFUR CLUSTER' 'Fe4 S4'
W non-polymer 'TUNGSTEN ION' 'W 6'
#
# COMPACT_ATOMS: atom_id res chain seq x y z
N GLU A 36 -13.22 25.65 26.22
CA GLU A 36 -12.15 25.48 25.17
C GLU A 36 -11.08 24.51 25.69
N LEU A 37 -10.56 23.63 24.83
CA LEU A 37 -9.48 22.68 25.18
C LEU A 37 -8.12 23.39 25.14
N GLN A 38 -7.43 23.43 26.28
CA GLN A 38 -6.20 24.25 26.48
C GLN A 38 -5.09 23.79 25.52
N LYS A 39 -4.90 22.48 25.38
CA LYS A 39 -3.86 21.87 24.50
C LYS A 39 -3.98 22.44 23.08
N LEU A 40 -5.21 22.63 22.58
CA LEU A 40 -5.50 23.06 21.18
C LEU A 40 -5.72 24.57 21.10
N GLN A 41 -6.15 25.21 22.19
CA GLN A 41 -6.34 26.70 22.26
C GLN A 41 -4.98 27.36 21.96
N TRP A 42 -4.97 28.33 21.04
CA TRP A 42 -3.78 29.16 20.69
C TRP A 42 -2.98 28.53 19.54
N ALA A 43 -3.16 27.23 19.26
CA ALA A 43 -2.51 26.52 18.14
C ALA A 43 -3.27 26.79 16.84
N LYS A 44 -2.55 26.98 15.72
CA LYS A 44 -3.14 27.02 14.36
C LYS A 44 -3.58 25.60 13.97
N GLN A 45 -4.78 25.46 13.39
CA GLN A 45 -5.35 24.17 12.92
C GLN A 45 -5.23 24.08 11.39
N THR A 46 -4.44 23.12 10.89
CA THR A 46 -4.32 22.81 9.44
C THR A 46 -4.68 21.34 9.20
N THR A 47 -4.98 20.98 7.95
CA THR A 47 -5.29 19.60 7.50
C THR A 47 -4.04 18.98 6.88
N SER A 48 -3.87 17.67 7.04
CA SER A 48 -2.82 16.85 6.38
C SER A 48 -3.41 15.50 5.94
N ILE A 49 -2.62 14.70 5.22
CA ILE A 49 -2.93 13.30 4.85
C ILE A 49 -1.84 12.42 5.48
N CYS A 50 -2.21 11.25 6.01
CA CYS A 50 -1.30 10.31 6.71
C CYS A 50 -0.11 9.98 5.81
N CYS A 51 1.08 9.82 6.39
CA CYS A 51 2.38 9.69 5.67
C CYS A 51 2.80 8.21 5.58
N TYR A 52 1.90 7.28 5.93
CA TYR A 52 2.18 5.82 5.95
C TYR A 52 1.50 5.15 4.74
N CYS A 53 0.39 4.43 4.93
CA CYS A 53 -0.18 3.50 3.91
C CYS A 53 -1.06 4.27 2.92
N ALA A 54 -1.46 3.61 1.83
CA ALA A 54 -2.08 4.22 0.63
C ALA A 54 -3.60 4.40 0.80
N VAL A 55 -4.13 4.23 2.01
CA VAL A 55 -5.58 4.49 2.32
C VAL A 55 -5.84 6.00 2.18
N GLY A 56 -4.91 6.84 2.65
CA GLY A 56 -4.97 8.32 2.53
C GLY A 56 -5.91 8.94 3.55
N CYS A 57 -5.78 8.53 4.82
CA CYS A 57 -6.55 9.05 5.99
C CYS A 57 -6.23 10.53 6.21
N GLY A 58 -7.27 11.34 6.43
CA GLY A 58 -7.16 12.78 6.79
C GLY A 58 -6.70 12.95 8.23
N LEU A 59 -5.73 13.85 8.44
CA LEU A 59 -5.30 14.35 9.76
C LEU A 59 -5.79 15.79 9.94
N ILE A 60 -5.93 16.24 11.19
CA ILE A 60 -5.91 17.68 11.56
C ILE A 60 -4.68 17.88 12.47
N VAL A 61 -3.82 18.83 12.11
CA VAL A 61 -2.56 19.17 12.84
C VAL A 61 -2.79 20.48 13.60
N HIS A 62 -2.40 20.53 14.87
CA HIS A 62 -2.41 21.74 15.73
C HIS A 62 -0.96 22.19 15.95
N THR A 63 -0.65 23.43 15.55
CA THR A 63 0.72 24.01 15.53
C THR A 63 0.76 25.21 16.48
N ALA A 64 1.68 25.19 17.45
CA ALA A 64 1.84 26.20 18.54
C ALA A 64 2.09 27.59 17.94
N LYS A 65 1.82 28.63 18.76
CA LYS A 65 2.10 30.06 18.47
C LYS A 65 1.45 30.45 17.14
N ASP A 66 0.20 30.06 16.93
CA ASP A 66 -0.59 30.28 15.69
C ASP A 66 0.28 29.97 14.47
N GLY A 67 0.93 28.79 14.48
CA GLY A 67 1.65 28.21 13.33
C GLY A 67 3.13 28.57 13.31
N GLN A 68 3.62 29.30 14.32
CA GLN A 68 5.00 29.86 14.36
C GLN A 68 5.97 28.84 14.98
N GLY A 69 5.47 27.90 15.79
CA GLY A 69 6.30 26.97 16.58
C GLY A 69 6.10 25.51 16.18
N ARG A 70 6.28 24.60 17.14
CA ARG A 70 6.21 23.13 16.94
C ARG A 70 4.75 22.67 16.92
N ALA A 71 4.51 21.45 16.41
CA ALA A 71 3.22 20.73 16.53
C ALA A 71 2.97 20.42 18.01
N VAL A 72 1.73 20.58 18.47
CA VAL A 72 1.32 20.25 19.87
C VAL A 72 0.41 19.01 19.87
N ASN A 73 -0.35 18.79 18.79
CA ASN A 73 -1.27 17.64 18.64
C ASN A 73 -1.36 17.23 17.16
N VAL A 74 -1.52 15.93 16.91
CA VAL A 74 -1.93 15.36 15.61
C VAL A 74 -2.97 14.27 15.89
N GLU A 75 -4.14 14.34 15.25
CA GLU A 75 -5.17 13.28 15.28
C GLU A 75 -5.96 13.32 13.97
N GLY A 76 -6.98 12.48 13.85
CA GLY A 76 -7.74 12.26 12.60
C GLY A 76 -8.59 13.46 12.24
N ASP A 77 -8.91 13.59 10.95
CA ASP A 77 -9.81 14.62 10.41
C ASP A 77 -11.23 14.05 10.41
N PRO A 78 -12.14 14.55 11.28
CA PRO A 78 -13.47 13.98 11.40
C PRO A 78 -14.32 14.18 10.15
N ASP A 79 -13.99 15.20 9.33
CA ASP A 79 -14.75 15.55 8.10
C ASP A 79 -14.28 14.69 6.92
N HIS A 80 -13.12 14.02 7.02
CA HIS A 80 -12.54 13.25 5.90
C HIS A 80 -13.40 12.01 5.67
N PRO A 81 -13.92 11.81 4.44
CA PRO A 81 -14.90 10.74 4.16
C PRO A 81 -14.34 9.31 4.10
N ILE A 82 -13.02 9.13 4.07
CA ILE A 82 -12.39 7.78 4.07
C ILE A 82 -12.27 7.29 5.52
N ASN A 83 -11.65 8.08 6.40
CA ASN A 83 -11.34 7.64 7.79
C ASN A 83 -12.31 8.25 8.81
N GLU A 84 -12.96 9.38 8.49
CA GLU A 84 -14.01 10.00 9.36
C GLU A 84 -13.47 10.22 10.77
N GLY A 85 -12.21 10.66 10.90
CA GLY A 85 -11.56 10.91 12.20
C GLY A 85 -10.73 9.72 12.68
N SER A 86 -11.00 8.51 12.18
CA SER A 86 -10.28 7.26 12.57
C SER A 86 -8.82 7.34 12.17
N LEU A 87 -7.92 6.80 13.00
CA LEU A 87 -6.50 6.54 12.65
C LEU A 87 -6.07 5.23 13.31
N CYS A 88 -5.34 4.39 12.56
CA CYS A 88 -4.60 3.22 13.08
C CYS A 88 -3.39 3.75 13.85
N PRO A 89 -2.63 2.91 14.59
CA PRO A 89 -1.67 3.42 15.56
C PRO A 89 -0.51 4.19 14.90
N LYS A 90 -0.28 3.98 13.60
CA LYS A 90 0.81 4.62 12.83
C LYS A 90 0.44 6.10 12.60
N GLY A 91 -0.68 6.36 11.94
CA GLY A 91 -1.27 7.70 11.81
C GLY A 91 -1.46 8.36 13.17
N ALA A 92 -2.00 7.61 14.14
CA ALA A 92 -2.30 8.10 15.51
C ALA A 92 -1.03 8.58 16.21
N SER A 93 0.15 8.10 15.80
CA SER A 93 1.46 8.37 16.45
C SER A 93 2.30 9.37 15.65
N ILE A 94 1.72 10.08 14.67
CA ILE A 94 2.48 10.98 13.75
C ILE A 94 3.04 12.18 14.54
N PHE A 95 2.42 12.58 15.65
CA PHE A 95 2.94 13.64 16.55
C PHE A 95 4.32 13.22 17.08
N GLN A 96 4.45 11.96 17.51
CA GLN A 96 5.70 11.38 18.07
C GLN A 96 6.74 11.19 16.96
N LEU A 97 6.32 11.07 15.70
CA LEU A 97 7.23 10.94 14.53
C LEU A 97 7.89 12.30 14.28
N GLY A 98 7.07 13.37 14.19
CA GLY A 98 7.49 14.73 13.85
C GLY A 98 8.26 15.39 14.97
N GLU A 99 7.69 15.42 16.18
CA GLU A 99 8.30 16.09 17.37
C GLU A 99 9.20 15.07 18.08
N ASN A 100 10.27 14.66 17.40
CA ASN A 100 11.15 13.53 17.78
C ASN A 100 12.61 14.04 17.83
N ASP A 101 13.26 13.94 18.98
CA ASP A 101 14.62 14.50 19.23
C ASP A 101 15.69 13.53 18.73
N GLN A 102 15.32 12.37 18.18
CA GLN A 102 16.24 11.42 17.51
C GLN A 102 16.40 11.81 16.03
N ARG A 103 15.57 12.73 15.52
CA ARG A 103 15.55 13.15 14.09
C ARG A 103 16.87 13.86 13.74
N GLY A 104 17.27 13.75 12.47
CA GLY A 104 18.35 14.55 11.86
C GLY A 104 18.03 16.03 11.97
N THR A 105 19.06 16.85 12.17
CA THR A 105 18.96 18.32 12.42
C THR A 105 19.64 19.09 11.29
N GLN A 106 20.73 18.55 10.73
CA GLN A 106 21.56 19.20 9.67
C GLN A 106 22.29 18.12 8.87
N PRO A 107 22.78 18.45 7.65
CA PRO A 107 23.55 17.49 6.86
C PRO A 107 24.72 16.89 7.68
N LEU A 108 24.99 15.60 7.48
CA LEU A 108 26.16 14.90 8.06
C LEU A 108 27.04 14.40 6.90
N TYR A 109 28.36 14.42 7.10
CA TYR A 109 29.38 13.96 6.13
C TYR A 109 30.18 12.82 6.76
N ARG A 110 30.55 11.84 5.96
CA ARG A 110 31.45 10.72 6.34
C ARG A 110 32.53 10.57 5.25
N ALA A 111 33.76 10.97 5.57
CA ALA A 111 34.93 10.91 4.67
C ALA A 111 35.29 9.44 4.41
N PRO A 112 35.87 9.10 3.25
CA PRO A 112 36.34 7.74 3.00
C PRO A 112 37.18 7.19 4.16
N PHE A 113 36.74 6.06 4.73
CA PHE A 113 37.44 5.29 5.80
C PHE A 113 37.24 5.94 7.17
N SER A 114 36.53 7.08 7.25
CA SER A 114 36.21 7.79 8.51
C SER A 114 35.42 6.88 9.45
N ASP A 115 35.63 7.02 10.77
CA ASP A 115 35.05 6.15 11.82
C ASP A 115 33.77 6.78 12.38
N THR A 116 33.48 8.04 12.02
CA THR A 116 32.38 8.87 12.62
C THR A 116 31.84 9.88 11.60
N TRP A 117 30.67 10.45 11.89
CA TRP A 117 30.02 11.56 11.13
C TRP A 117 30.72 12.89 11.46
N LYS A 118 30.73 13.81 10.50
CA LYS A 118 31.22 15.20 10.66
C LYS A 118 30.09 16.16 10.29
N PRO A 119 29.48 16.89 11.25
CA PRO A 119 28.40 17.81 10.94
C PRO A 119 28.88 18.95 10.04
N VAL A 120 28.12 19.24 8.98
CA VAL A 120 28.50 20.19 7.89
C VAL A 120 27.26 20.99 7.48
N THR A 121 27.47 22.10 6.77
CA THR A 121 26.39 23.02 6.31
C THR A 121 25.76 22.42 5.04
N TRP A 122 24.59 22.93 4.65
CA TRP A 122 23.90 22.60 3.38
C TRP A 122 24.80 23.01 2.20
N ASP A 123 25.32 24.23 2.25
CA ASP A 123 26.18 24.83 1.20
C ASP A 123 27.33 23.86 0.88
N PHE A 124 27.98 23.30 1.90
CA PHE A 124 29.11 22.35 1.74
C PHE A 124 28.62 21.04 1.13
N ALA A 125 27.57 20.46 1.70
CA ALA A 125 27.05 19.11 1.34
C ALA A 125 26.56 19.11 -0.11
N LEU A 126 25.67 20.03 -0.49
CA LEU A 126 25.10 20.11 -1.86
C LEU A 126 26.22 20.42 -2.86
N THR A 127 27.15 21.33 -2.50
CA THR A 127 28.32 21.72 -3.33
C THR A 127 29.18 20.48 -3.62
N GLU A 128 29.60 19.76 -2.57
CA GLU A 128 30.42 18.54 -2.66
C GLU A 128 29.65 17.44 -3.41
N ILE A 129 28.33 17.34 -3.20
CA ILE A 129 27.45 16.36 -3.87
C ILE A 129 27.39 16.69 -5.38
N ALA A 130 27.18 17.97 -5.71
CA ALA A 130 27.10 18.49 -7.10
C ALA A 130 28.40 18.21 -7.86
N LYS A 131 29.54 18.16 -7.15
CA LYS A 131 30.89 17.90 -7.73
C LYS A 131 31.07 16.39 -7.99
N ARG A 132 30.54 15.54 -7.10
CA ARG A 132 30.63 14.06 -7.24
C ARG A 132 29.81 13.63 -8.46
N ILE A 133 28.62 14.22 -8.62
CA ILE A 133 27.68 13.97 -9.76
C ILE A 133 28.42 14.28 -11.07
N LYS A 134 28.89 15.53 -11.20
CA LYS A 134 29.60 16.05 -12.41
C LYS A 134 30.84 15.18 -12.70
N LYS A 135 31.66 14.92 -11.70
CA LYS A 135 32.89 14.08 -11.82
C LYS A 135 32.50 12.72 -12.44
N THR A 136 31.46 12.07 -11.89
CA THR A 136 31.00 10.73 -12.32
C THR A 136 30.33 10.81 -13.70
N ARG A 137 29.46 11.82 -13.91
CA ARG A 137 28.74 11.99 -15.19
C ARG A 137 29.76 12.16 -16.33
N ASP A 138 30.57 13.22 -16.26
CA ASP A 138 31.61 13.55 -17.28
C ASP A 138 32.45 12.32 -17.61
N ALA A 139 32.84 11.55 -16.59
CA ALA A 139 33.78 10.40 -16.67
C ALA A 139 33.12 9.17 -17.31
N SER A 140 31.78 9.04 -17.25
CA SER A 140 31.06 7.80 -17.65
C SER A 140 29.97 8.07 -18.71
N PHE A 141 29.64 9.33 -19.00
CA PHE A 141 28.55 9.69 -19.95
C PHE A 141 28.89 9.13 -21.34
N THR A 142 28.01 8.27 -21.87
CA THR A 142 28.12 7.66 -23.23
C THR A 142 27.01 8.24 -24.12
N GLU A 143 27.39 9.09 -25.08
CA GLU A 143 26.47 9.68 -26.10
C GLU A 143 25.86 8.56 -26.95
N LYS A 144 26.68 7.58 -27.35
CA LYS A 144 26.27 6.50 -28.28
C LYS A 144 26.77 5.15 -27.76
N ASN A 145 25.86 4.19 -27.59
CA ASN A 145 26.15 2.79 -27.15
C ASN A 145 27.02 2.11 -28.21
N ALA A 146 27.48 0.88 -27.91
CA ALA A 146 28.35 0.05 -28.79
C ALA A 146 27.81 0.06 -30.22
N ALA A 147 26.50 -0.12 -30.39
CA ALA A 147 25.81 -0.28 -31.69
C ALA A 147 25.75 1.04 -32.47
N GLY A 148 26.22 2.14 -31.87
CA GLY A 148 26.33 3.46 -32.53
C GLY A 148 25.05 4.27 -32.44
N ASP A 149 24.04 3.80 -31.70
CA ASP A 149 22.73 4.49 -31.49
C ASP A 149 22.86 5.53 -30.38
N LEU A 150 22.14 6.65 -30.49
CA LEU A 150 22.11 7.75 -29.48
C LEU A 150 21.38 7.27 -28.21
N VAL A 151 22.01 7.45 -27.04
CA VAL A 151 21.46 7.06 -25.71
C VAL A 151 21.64 8.19 -24.69
N ASN A 152 22.72 8.99 -24.79
CA ASN A 152 22.94 10.22 -23.98
C ASN A 152 22.66 9.93 -22.51
N ARG A 153 23.40 9.01 -21.90
CA ARG A 153 23.08 8.46 -20.55
C ARG A 153 24.34 8.24 -19.71
N THR A 154 24.14 8.06 -18.41
CA THR A 154 25.12 7.61 -17.39
C THR A 154 24.65 6.28 -16.80
N GLU A 155 25.52 5.27 -16.76
CA GLU A 155 25.23 3.94 -16.14
C GLU A 155 26.08 3.75 -14.87
N ALA A 156 26.74 4.83 -14.41
CA ALA A 156 27.68 4.84 -13.27
C ALA A 156 27.02 5.43 -12.02
N ILE A 157 25.78 5.92 -12.14
CA ILE A 157 24.95 6.46 -11.01
C ILE A 157 23.59 5.76 -11.04
N ALA A 158 23.16 5.22 -9.89
CA ALA A 158 21.84 4.60 -9.66
C ALA A 158 21.08 5.40 -8.61
N SER A 159 19.73 5.37 -8.65
CA SER A 159 18.84 6.06 -7.68
C SER A 159 17.75 5.10 -7.20
N PHE A 160 17.55 5.03 -5.88
CA PHE A 160 16.43 4.32 -5.19
C PHE A 160 15.56 5.36 -4.48
N GLY A 161 14.27 5.43 -4.84
CA GLY A 161 13.23 6.13 -4.07
C GLY A 161 12.55 7.26 -4.86
N SER A 162 11.41 7.73 -4.35
CA SER A 162 10.75 7.19 -3.16
C SER A 162 9.24 7.44 -3.24
N ALA A 163 8.46 6.51 -2.69
CA ALA A 163 6.98 6.54 -2.65
C ALA A 163 6.50 7.40 -1.48
N ALA A 164 7.41 7.84 -0.61
CA ALA A 164 7.14 8.67 0.60
C ALA A 164 7.09 10.16 0.23
N MET A 165 7.78 10.59 -0.83
CA MET A 165 7.86 12.02 -1.25
C MET A 165 6.51 12.46 -1.83
N ASP A 166 6.25 13.77 -1.83
CA ASP A 166 5.04 14.40 -2.44
C ASP A 166 5.05 14.13 -3.95
N ASN A 167 3.88 14.21 -4.59
CA ASN A 167 3.71 13.96 -6.03
C ASN A 167 4.58 14.96 -6.83
N GLU A 168 4.61 16.22 -6.40
CA GLU A 168 5.32 17.33 -7.09
C GLU A 168 6.82 17.07 -6.98
N GLU A 169 7.27 16.54 -5.83
CA GLU A 169 8.68 16.20 -5.53
C GLU A 169 9.11 14.95 -6.31
N CYS A 170 8.21 13.98 -6.49
CA CYS A 170 8.46 12.74 -7.26
C CYS A 170 8.70 13.09 -8.73
N TRP A 171 7.83 13.92 -9.29
CA TRP A 171 7.88 14.42 -10.69
C TRP A 171 9.21 15.16 -10.93
N ALA A 172 9.53 16.15 -10.10
CA ALA A 172 10.75 16.99 -10.18
C ALA A 172 11.99 16.09 -10.07
N TYR A 173 11.97 15.13 -9.13
CA TYR A 173 13.10 14.21 -8.87
C TYR A 173 13.39 13.42 -10.15
N GLY A 174 12.38 12.76 -10.70
CA GLY A 174 12.48 11.96 -11.94
C GLY A 174 13.16 12.74 -13.05
N ASN A 175 12.74 13.98 -13.25
CA ASN A 175 13.20 14.87 -14.35
C ASN A 175 14.64 15.33 -14.08
N ILE A 176 14.99 15.63 -12.82
CA ILE A 176 16.37 15.99 -12.39
C ILE A 176 17.31 14.81 -12.72
N LEU A 177 16.94 13.60 -12.33
CA LEU A 177 17.73 12.36 -12.59
C LEU A 177 17.87 12.14 -14.10
N ARG A 178 16.81 12.35 -14.88
CA ARG A 178 16.78 12.08 -16.35
C ARG A 178 17.56 13.17 -17.09
N SER A 179 17.51 14.42 -16.63
CA SER A 179 18.32 15.55 -17.19
C SER A 179 19.81 15.26 -17.01
N LEU A 180 20.17 14.58 -15.92
CA LEU A 180 21.56 14.12 -15.61
C LEU A 180 21.87 12.84 -16.38
N GLY A 181 20.87 12.25 -17.03
CA GLY A 181 21.03 11.14 -17.99
C GLY A 181 20.94 9.77 -17.33
N LEU A 182 20.43 9.68 -16.09
CA LEU A 182 20.31 8.39 -15.37
C LEU A 182 19.24 7.52 -16.05
N VAL A 183 19.43 6.20 -16.01
CA VAL A 183 18.47 5.16 -16.50
C VAL A 183 18.16 4.18 -15.36
N TYR A 184 19.08 4.00 -14.42
CA TYR A 184 18.88 3.19 -13.18
C TYR A 184 18.14 4.06 -12.16
N ILE A 185 16.82 4.20 -12.38
CA ILE A 185 15.87 4.97 -11.54
C ILE A 185 14.76 4.01 -11.10
N GLU A 186 14.71 3.67 -9.81
CA GLU A 186 13.76 2.70 -9.23
C GLU A 186 13.28 3.19 -7.86
N HIS A 187 12.23 2.57 -7.32
CA HIS A 187 11.74 2.78 -5.93
C HIS A 187 10.83 1.62 -5.51
N GLN A 188 10.19 1.76 -4.34
CA GLN A 188 9.31 0.77 -3.69
C GLN A 188 8.44 0.04 -4.73
N ALA A 189 7.81 0.80 -5.63
CA ALA A 189 6.73 0.35 -6.54
C ALA A 189 7.10 -0.94 -7.26
N ARG A 190 8.38 -1.14 -7.62
CA ARG A 190 8.89 -2.28 -8.43
C ARG A 190 8.27 -3.60 -7.93
N ILE A 191 8.27 -3.84 -6.61
CA ILE A 191 7.89 -5.15 -5.99
C ILE A 191 6.42 -5.47 -6.28
N SEC A 192 5.55 -4.45 -6.34
CA SEC A 192 4.14 -4.66 -6.62
C SEC A 192 3.80 -4.37 -8.08
N HIS A 193 4.55 -3.46 -8.71
CA HIS A 193 4.27 -3.04 -10.08
C HIS A 193 4.38 -4.24 -11.04
N SER A 194 5.54 -4.91 -11.06
CA SER A 194 5.88 -5.96 -12.04
C SER A 194 4.78 -7.02 -12.14
N PRO A 195 4.22 -7.52 -11.01
CA PRO A 195 3.05 -8.41 -11.09
C PRO A 195 1.77 -7.67 -11.50
N THR A 196 1.36 -6.65 -10.74
CA THR A 196 0.03 -5.99 -10.81
C THR A 196 -0.19 -5.31 -12.18
N VAL A 197 0.63 -4.33 -12.53
CA VAL A 197 0.35 -3.38 -13.65
C VAL A 197 0.23 -4.17 -14.96
N PRO A 198 1.19 -5.07 -15.30
CA PRO A 198 1.06 -5.88 -16.52
C PRO A 198 -0.16 -6.83 -16.49
N ALA A 199 -0.53 -7.33 -15.32
CA ALA A 199 -1.71 -8.21 -15.14
C ALA A 199 -2.99 -7.41 -15.43
N LEU A 200 -3.17 -6.27 -14.75
CA LEU A 200 -4.41 -5.45 -14.87
C LEU A 200 -4.43 -4.69 -16.20
N ALA A 201 -3.28 -4.19 -16.68
CA ALA A 201 -3.15 -3.53 -18.00
C ALA A 201 -3.59 -4.51 -19.10
N GLU A 202 -3.09 -5.74 -19.06
CA GLU A 202 -3.43 -6.80 -20.05
C GLU A 202 -4.94 -7.06 -20.00
N SER A 203 -5.52 -7.03 -18.81
CA SER A 203 -6.93 -7.44 -18.54
C SER A 203 -7.89 -6.27 -18.81
N PHE A 204 -7.57 -5.07 -18.33
CA PHE A 204 -8.49 -3.89 -18.31
C PHE A 204 -7.91 -2.70 -19.10
N GLY A 205 -6.61 -2.63 -19.33
CA GLY A 205 -5.96 -1.55 -20.12
C GLY A 205 -5.29 -0.52 -19.23
N ARG A 206 -5.54 -0.57 -17.91
CA ARG A 206 -4.81 0.22 -16.88
C ARG A 206 -4.39 -0.72 -15.75
N GLY A 207 -3.32 -0.37 -15.03
CA GLY A 207 -2.69 -1.21 -14.00
C GLY A 207 -3.14 -0.85 -12.59
N ALA A 208 -3.92 0.22 -12.43
CA ALA A 208 -4.27 0.82 -11.13
C ALA A 208 -5.43 0.06 -10.48
N MET A 209 -5.58 0.22 -9.16
CA MET A 209 -6.77 -0.20 -8.38
C MET A 209 -8.03 0.32 -9.09
N THR A 210 -8.96 -0.58 -9.40
CA THR A 210 -10.10 -0.35 -10.33
C THR A 210 -11.15 0.53 -9.64
N ASN A 211 -11.32 0.37 -8.33
CA ASN A 211 -12.34 1.08 -7.51
C ASN A 211 -11.60 1.91 -6.46
N HIS A 212 -12.12 1.98 -5.22
CA HIS A 212 -11.60 2.84 -4.13
C HIS A 212 -12.19 2.38 -2.80
N TRP A 213 -11.65 2.89 -1.70
CA TRP A 213 -11.83 2.34 -0.33
C TRP A 213 -13.31 2.38 0.09
N ASN A 214 -13.96 3.53 -0.08
CA ASN A 214 -15.38 3.75 0.34
C ASN A 214 -16.27 2.75 -0.39
N ASP A 215 -15.93 2.43 -1.64
CA ASP A 215 -16.71 1.52 -2.52
C ASP A 215 -16.75 0.09 -1.99
N LEU A 216 -15.80 -0.32 -1.13
CA LEU A 216 -15.78 -1.67 -0.51
C LEU A 216 -17.11 -1.93 0.20
N ALA A 217 -17.72 -0.88 0.75
CA ALA A 217 -18.98 -0.91 1.54
C ALA A 217 -20.17 -1.38 0.69
N ASN A 218 -20.08 -1.28 -0.64
CA ASN A 218 -21.18 -1.61 -1.58
C ASN A 218 -21.11 -3.08 -2.02
N SER A 219 -20.08 -3.82 -1.60
CA SER A 219 -19.81 -5.21 -2.08
C SER A 219 -20.68 -6.21 -1.31
N ASP A 220 -21.14 -7.25 -2.01
CA ASP A 220 -21.99 -8.34 -1.45
C ASP A 220 -21.11 -9.51 -1.00
N CYS A 221 -19.89 -9.65 -1.56
CA CYS A 221 -18.90 -10.67 -1.14
C CYS A 221 -17.48 -10.12 -1.34
N ILE A 222 -16.71 -10.06 -0.26
CA ILE A 222 -15.32 -9.49 -0.24
C ILE A 222 -14.34 -10.65 -0.07
N LEU A 223 -13.57 -10.96 -1.13
CA LEU A 223 -12.50 -11.99 -1.11
C LEU A 223 -11.16 -11.28 -0.85
N ILE A 224 -10.60 -11.48 0.34
CA ILE A 224 -9.27 -10.95 0.76
C ILE A 224 -8.26 -12.11 0.65
N MET A 225 -7.35 -12.03 -0.33
CA MET A 225 -6.45 -13.14 -0.72
C MET A 225 -5.13 -12.55 -1.23
N GLY A 226 -4.04 -12.74 -0.48
CA GLY A 226 -2.75 -12.04 -0.71
C GLY A 226 -2.79 -10.65 -0.11
N SER A 227 -3.57 -10.48 0.96
CA SER A 227 -3.71 -9.20 1.71
C SER A 227 -4.02 -9.50 3.18
N ASN A 228 -3.47 -8.68 4.07
CA ASN A 228 -3.76 -8.69 5.53
C ASN A 228 -4.28 -7.28 5.90
N ALA A 229 -5.31 -6.84 5.18
CA ALA A 229 -5.84 -5.45 5.16
C ALA A 229 -6.11 -4.92 6.57
N ALA A 230 -6.65 -5.74 7.48
CA ALA A 230 -6.96 -5.34 8.87
C ALA A 230 -5.72 -4.75 9.54
N GLU A 231 -4.53 -5.28 9.22
CA GLU A 231 -3.23 -4.85 9.79
C GLU A 231 -2.50 -3.87 8.86
N ASN A 232 -2.67 -4.00 7.54
CA ASN A 232 -1.80 -3.38 6.53
C ASN A 232 -2.52 -2.25 5.78
N HIS A 233 -3.85 -2.16 5.92
CA HIS A 233 -4.68 -1.03 5.43
C HIS A 233 -5.86 -0.83 6.40
N PRO A 234 -5.58 -0.62 7.70
CA PRO A 234 -6.59 -0.78 8.75
C PRO A 234 -7.92 -0.05 8.56
N ILE A 235 -7.89 1.21 8.08
CA ILE A 235 -9.12 2.03 7.90
C ILE A 235 -9.99 1.40 6.80
N ALA A 236 -9.41 0.60 5.91
CA ALA A 236 -10.17 -0.17 4.88
C ALA A 236 -11.25 -1.03 5.55
N PHE A 237 -11.03 -1.51 6.77
CA PHE A 237 -11.96 -2.44 7.47
C PHE A 237 -13.18 -1.69 8.03
N LYS A 238 -13.12 -0.37 8.16
CA LYS A 238 -14.32 0.48 8.37
C LYS A 238 -15.36 0.09 7.31
N TRP A 239 -14.91 -0.01 6.06
CA TRP A 239 -15.78 -0.16 4.86
C TRP A 239 -16.05 -1.63 4.58
N VAL A 240 -15.11 -2.52 4.92
CA VAL A 240 -15.30 -4.00 4.83
C VAL A 240 -16.43 -4.40 5.79
N LEU A 241 -16.38 -3.93 7.04
CA LEU A 241 -17.37 -4.32 8.09
C LEU A 241 -18.74 -3.71 7.77
N ARG A 242 -18.78 -2.52 7.17
CA ARG A 242 -20.04 -1.86 6.73
C ARG A 242 -20.64 -2.65 5.56
N ALA A 243 -19.81 -3.25 4.70
CA ALA A 243 -20.25 -4.16 3.62
C ALA A 243 -20.99 -5.34 4.26
N LYS A 244 -20.44 -5.89 5.35
CA LYS A 244 -21.01 -7.03 6.11
C LYS A 244 -22.35 -6.62 6.73
N ASP A 245 -22.41 -5.43 7.35
CA ASP A 245 -23.64 -4.86 7.97
C ASP A 245 -24.79 -4.89 6.96
N LYS A 246 -24.51 -4.66 5.67
CA LYS A 246 -25.52 -4.57 4.60
C LYS A 246 -25.64 -5.90 3.85
N GLY A 247 -25.15 -7.01 4.44
CA GLY A 247 -25.45 -8.39 4.02
C GLY A 247 -24.27 -9.15 3.43
N ALA A 248 -23.08 -8.54 3.34
CA ALA A 248 -21.91 -9.13 2.62
C ALA A 248 -21.28 -10.26 3.45
N THR A 249 -20.71 -11.25 2.75
CA THR A 249 -19.84 -12.32 3.30
C THR A 249 -18.38 -11.90 3.11
N LEU A 250 -17.58 -11.96 4.19
CA LEU A 250 -16.14 -11.62 4.16
C LEU A 250 -15.33 -12.92 4.23
N ILE A 251 -14.46 -13.14 3.26
CA ILE A 251 -13.65 -14.38 3.10
C ILE A 251 -12.17 -13.99 3.13
N HIS A 252 -11.41 -14.58 4.06
CA HIS A 252 -9.93 -14.44 4.14
C HIS A 252 -9.29 -15.76 3.68
N VAL A 253 -8.48 -15.67 2.62
CA VAL A 253 -7.66 -16.80 2.07
C VAL A 253 -6.20 -16.47 2.38
N ASP A 254 -5.60 -17.21 3.31
CA ASP A 254 -4.28 -16.90 3.89
C ASP A 254 -3.68 -18.16 4.51
N PRO A 255 -2.37 -18.43 4.31
CA PRO A 255 -1.70 -19.51 5.02
C PRO A 255 -1.69 -19.32 6.54
N ARG A 256 -1.80 -18.07 7.00
CA ARG A 256 -1.79 -17.69 8.45
C ARG A 256 -3.17 -17.16 8.85
N PHE A 257 -3.57 -17.42 10.09
CA PHE A 257 -4.72 -16.77 10.76
C PHE A 257 -4.24 -15.45 11.36
N THR A 258 -4.75 -14.33 10.84
CA THR A 258 -4.31 -12.95 11.19
C THR A 258 -5.44 -12.21 11.92
N ARG A 259 -5.22 -10.92 12.19
CA ARG A 259 -6.23 -10.00 12.77
C ARG A 259 -7.35 -9.76 11.74
N THR A 260 -7.04 -9.87 10.44
CA THR A 260 -8.02 -9.87 9.31
C THR A 260 -8.94 -11.09 9.45
N SER A 261 -8.36 -12.29 9.58
CA SER A 261 -9.06 -13.59 9.65
C SER A 261 -10.11 -13.56 10.77
N ALA A 262 -9.75 -12.97 11.93
CA ALA A 262 -10.59 -12.88 13.15
C ALA A 262 -11.92 -12.18 12.85
N ARG A 263 -11.96 -11.30 11.84
CA ARG A 263 -13.13 -10.41 11.55
C ARG A 263 -13.74 -10.75 10.18
N CYS A 264 -13.45 -11.95 9.66
CA CYS A 264 -14.08 -12.48 8.42
C CYS A 264 -15.10 -13.57 8.81
N ASP A 265 -16.07 -13.81 7.95
CA ASP A 265 -17.11 -14.87 8.12
C ASP A 265 -16.46 -16.23 7.86
N VAL A 266 -15.54 -16.30 6.89
CA VAL A 266 -14.88 -17.54 6.42
C VAL A 266 -13.36 -17.30 6.41
N TYR A 267 -12.62 -18.04 7.26
CA TYR A 267 -11.15 -18.23 7.14
C TYR A 267 -10.87 -19.55 6.44
N ALA A 268 -10.20 -19.49 5.29
CA ALA A 268 -9.79 -20.65 4.46
C ALA A 268 -8.27 -20.67 4.39
N PRO A 269 -7.58 -21.65 5.02
CA PRO A 269 -6.13 -21.72 4.94
C PRO A 269 -5.73 -22.17 3.53
N ILE A 270 -4.67 -21.59 2.99
CA ILE A 270 -4.10 -22.00 1.66
C ILE A 270 -2.60 -22.21 1.85
N ARG A 271 -2.06 -23.25 1.21
CA ARG A 271 -0.61 -23.53 1.15
C ARG A 271 0.04 -22.42 0.31
N SER A 272 1.22 -21.94 0.72
CA SER A 272 1.96 -20.86 0.02
C SER A 272 2.15 -21.23 -1.46
N GLY A 273 1.65 -20.40 -2.36
CA GLY A 273 1.88 -20.51 -3.82
C GLY A 273 0.85 -21.39 -4.51
N ALA A 274 -0.23 -21.78 -3.82
CA ALA A 274 -1.34 -22.60 -4.36
C ALA A 274 -2.50 -21.70 -4.83
N ASP A 275 -2.23 -20.40 -5.04
CA ASP A 275 -3.26 -19.38 -5.40
C ASP A 275 -3.87 -19.69 -6.77
N ILE A 276 -3.03 -19.99 -7.78
CA ILE A 276 -3.50 -20.22 -9.17
C ILE A 276 -4.37 -21.47 -9.21
N PRO A 277 -3.98 -22.61 -8.60
CA PRO A 277 -4.89 -23.74 -8.42
C PRO A 277 -6.25 -23.29 -7.88
N PHE A 278 -6.24 -22.56 -6.75
CA PHE A 278 -7.44 -22.07 -6.03
C PHE A 278 -8.33 -21.28 -6.99
N LEU A 279 -7.76 -20.29 -7.69
CA LEU A 279 -8.51 -19.38 -8.61
C LEU A 279 -8.91 -20.14 -9.88
N GLY A 280 -8.09 -21.10 -10.31
CA GLY A 280 -8.39 -22.01 -11.43
C GLY A 280 -9.63 -22.84 -11.15
N GLY A 281 -9.74 -23.38 -9.93
CA GLY A 281 -10.94 -24.10 -9.45
C GLY A 281 -12.17 -23.21 -9.47
N LEU A 282 -12.01 -21.94 -9.10
CA LEU A 282 -13.14 -20.96 -9.05
C LEU A 282 -13.61 -20.66 -10.48
N ILE A 283 -12.69 -20.51 -11.44
CA ILE A 283 -13.03 -20.28 -12.87
C ILE A 283 -13.86 -21.48 -13.37
N LYS A 284 -13.38 -22.70 -13.16
CA LYS A 284 -14.08 -23.96 -13.58
C LYS A 284 -15.46 -24.02 -12.93
N TYR A 285 -15.52 -23.78 -11.61
CA TYR A 285 -16.79 -23.77 -10.82
C TYR A 285 -17.78 -22.81 -11.48
N ILE A 286 -17.33 -21.62 -11.88
CA ILE A 286 -18.19 -20.53 -12.45
C ILE A 286 -18.72 -20.99 -13.81
N LEU A 287 -17.88 -21.64 -14.63
CA LEU A 287 -18.23 -22.05 -16.01
C LEU A 287 -19.10 -23.30 -15.97
N ASP A 288 -18.74 -24.29 -15.14
CA ASP A 288 -19.50 -25.57 -14.97
C ASP A 288 -20.92 -25.28 -14.50
N ASN A 289 -21.08 -24.36 -13.54
CA ASN A 289 -22.37 -24.07 -12.85
C ASN A 289 -23.08 -22.87 -13.52
N LYS A 290 -22.60 -22.40 -14.66
CA LYS A 290 -23.24 -21.30 -15.45
C LYS A 290 -23.57 -20.12 -14.50
N LEU A 291 -22.57 -19.69 -13.71
CA LEU A 291 -22.72 -18.60 -12.70
C LEU A 291 -22.15 -17.29 -13.27
N TYR A 292 -21.62 -17.29 -14.49
CA TYR A 292 -21.06 -16.09 -15.15
C TYR A 292 -22.20 -15.17 -15.61
N PHE A 293 -21.93 -13.87 -15.66
CA PHE A 293 -22.84 -12.81 -16.17
C PHE A 293 -22.79 -12.83 -17.70
N THR A 294 -23.71 -13.58 -18.34
CA THR A 294 -23.69 -13.92 -19.78
C THR A 294 -23.60 -12.66 -20.65
N ASP A 295 -24.49 -11.69 -20.45
CA ASP A 295 -24.62 -10.48 -21.32
C ASP A 295 -23.36 -9.64 -21.19
N TYR A 296 -22.94 -9.37 -19.95
CA TYR A 296 -21.66 -8.69 -19.61
C TYR A 296 -20.53 -9.36 -20.42
N VAL A 297 -20.41 -10.68 -20.30
CA VAL A 297 -19.31 -11.50 -20.90
C VAL A 297 -19.36 -11.40 -22.42
N ARG A 298 -20.55 -11.51 -23.03
CA ARG A 298 -20.73 -11.53 -24.50
C ARG A 298 -20.34 -10.18 -25.11
N GLU A 299 -20.61 -9.08 -24.39
CA GLU A 299 -20.57 -7.69 -24.92
C GLU A 299 -19.24 -7.01 -24.53
N TYR A 300 -18.79 -7.19 -23.29
CA TYR A 300 -17.78 -6.32 -22.64
C TYR A 300 -16.43 -7.05 -22.47
N THR A 301 -16.41 -8.39 -22.47
CA THR A 301 -15.15 -9.20 -22.44
C THR A 301 -14.82 -9.65 -23.87
N ASN A 302 -13.65 -10.29 -24.06
CA ASN A 302 -13.19 -10.77 -25.38
C ASN A 302 -13.59 -12.24 -25.57
N ALA A 303 -14.58 -12.72 -24.80
CA ALA A 303 -15.17 -14.08 -24.86
C ALA A 303 -15.51 -14.46 -26.30
N SER A 304 -16.01 -13.51 -27.09
CA SER A 304 -16.57 -13.72 -28.46
C SER A 304 -15.45 -13.78 -29.51
N LEU A 305 -14.24 -13.30 -29.21
CA LEU A 305 -13.15 -13.15 -30.21
C LEU A 305 -12.59 -14.54 -30.59
N ILE A 306 -12.32 -14.74 -31.88
CA ILE A 306 -11.81 -16.01 -32.45
C ILE A 306 -10.28 -16.00 -32.38
N VAL A 307 -9.71 -16.84 -31.53
CA VAL A 307 -8.23 -17.06 -31.44
C VAL A 307 -7.81 -17.86 -32.69
N GLY A 308 -6.63 -17.54 -33.24
CA GLY A 308 -6.06 -18.18 -34.44
C GLY A 308 -5.82 -19.67 -34.24
N GLU A 309 -5.72 -20.42 -35.35
CA GLU A 309 -5.57 -21.91 -35.35
C GLU A 309 -4.22 -22.30 -34.73
N LYS A 310 -3.22 -21.41 -34.79
CA LYS A 310 -1.83 -21.68 -34.33
C LYS A 310 -1.80 -21.84 -32.80
N PHE A 311 -2.83 -21.35 -32.09
CA PHE A 311 -2.93 -21.48 -30.61
C PHE A 311 -3.25 -22.93 -30.24
N SER A 312 -2.56 -23.46 -29.23
CA SER A 312 -2.84 -24.76 -28.57
C SER A 312 -2.17 -24.81 -27.19
N PHE A 313 -2.57 -25.77 -26.36
CA PHE A 313 -2.00 -26.04 -25.02
C PHE A 313 -1.94 -27.55 -24.81
N LYS A 314 -0.81 -28.07 -24.32
CA LYS A 314 -0.54 -29.52 -24.18
C LYS A 314 0.63 -29.73 -23.22
N ASP A 315 0.43 -30.57 -22.19
CA ASP A 315 1.48 -31.04 -21.25
C ASP A 315 2.10 -29.84 -20.51
N GLY A 316 1.33 -28.79 -20.24
CA GLY A 316 1.76 -27.60 -19.49
C GLY A 316 2.51 -26.59 -20.34
N LEU A 317 2.43 -26.71 -21.67
CA LEU A 317 3.11 -25.79 -22.63
C LEU A 317 2.09 -25.28 -23.65
N PHE A 318 2.05 -23.96 -23.88
CA PHE A 318 1.30 -23.32 -24.98
C PHE A 318 2.09 -23.54 -26.27
N SER A 319 1.50 -23.19 -27.43
CA SER A 319 2.14 -23.27 -28.76
C SER A 319 3.26 -22.22 -28.85
N GLY A 320 4.22 -22.41 -29.76
CA GLY A 320 5.29 -21.44 -30.06
C GLY A 320 6.39 -21.41 -29.00
N TYR A 321 6.55 -22.50 -28.23
CA TYR A 321 7.57 -22.63 -27.16
C TYR A 321 8.95 -22.94 -27.77
N ASP A 322 9.94 -22.10 -27.46
CA ASP A 322 11.38 -22.33 -27.78
C ASP A 322 12.04 -22.97 -26.56
N ALA A 323 12.25 -24.29 -26.60
CA ALA A 323 12.76 -25.13 -25.49
C ALA A 323 14.18 -24.70 -25.10
N ALA A 324 15.01 -24.33 -26.08
CA ALA A 324 16.42 -23.93 -25.88
C ALA A 324 16.49 -22.60 -25.12
N ASN A 325 15.75 -21.59 -25.59
CA ASN A 325 15.74 -20.21 -25.02
C ASN A 325 14.80 -20.12 -23.82
N LYS A 326 13.88 -21.08 -23.67
CA LYS A 326 12.83 -21.11 -22.60
C LYS A 326 12.01 -19.82 -22.68
N LYS A 327 11.38 -19.58 -23.84
CA LYS A 327 10.41 -18.47 -24.05
C LYS A 327 9.48 -18.84 -25.20
N TYR A 328 8.42 -18.06 -25.39
CA TYR A 328 7.30 -18.33 -26.34
C TYR A 328 7.35 -17.34 -27.51
N ASP A 329 6.92 -17.80 -28.69
CA ASP A 329 6.59 -16.96 -29.88
C ASP A 329 5.10 -16.58 -29.76
N LYS A 330 4.81 -15.38 -29.27
CA LYS A 330 3.45 -14.93 -28.89
C LYS A 330 2.59 -14.65 -30.14
N SER A 331 3.21 -14.57 -31.32
CA SER A 331 2.51 -14.45 -32.63
C SER A 331 1.62 -15.68 -32.85
N MET A 332 1.99 -16.82 -32.27
CA MET A 332 1.25 -18.11 -32.35
C MET A 332 -0.08 -18.02 -31.59
N TRP A 333 -0.23 -17.05 -30.68
CA TRP A 333 -1.43 -16.83 -29.83
C TRP A 333 -2.34 -15.75 -30.43
N ALA A 334 -2.02 -15.24 -31.62
CA ALA A 334 -2.72 -14.08 -32.23
C ALA A 334 -4.20 -14.43 -32.45
N PHE A 335 -5.06 -13.42 -32.54
CA PHE A 335 -6.48 -13.57 -32.92
C PHE A 335 -6.55 -13.78 -34.44
N GLU A 336 -7.62 -14.42 -34.91
CA GLU A 336 -7.98 -14.48 -36.35
C GLU A 336 -8.62 -13.13 -36.69
N LEU A 337 -7.98 -12.36 -37.57
CA LEU A 337 -8.41 -10.99 -37.97
C LEU A 337 -9.35 -11.10 -39.18
N ASP A 338 -10.41 -10.27 -39.20
CA ASP A 338 -11.30 -10.12 -40.38
C ASP A 338 -10.56 -9.27 -41.43
N ALA A 339 -11.22 -8.99 -42.58
CA ALA A 339 -10.65 -8.29 -43.74
C ALA A 339 -10.09 -6.92 -43.34
N ASN A 340 -10.74 -6.23 -42.38
CA ASN A 340 -10.36 -4.86 -41.92
C ASN A 340 -9.10 -4.90 -41.06
N GLY A 341 -8.79 -6.05 -40.45
CA GLY A 341 -7.68 -6.20 -39.49
C GLY A 341 -8.16 -6.24 -38.05
N VAL A 342 -9.48 -6.21 -37.85
CA VAL A 342 -10.14 -6.31 -36.50
C VAL A 342 -10.28 -7.79 -36.14
N PRO A 343 -9.95 -8.19 -34.89
CA PRO A 343 -10.17 -9.56 -34.45
C PRO A 343 -11.61 -10.03 -34.75
N LYS A 344 -11.75 -11.24 -35.31
CA LYS A 344 -13.06 -11.86 -35.65
C LYS A 344 -13.82 -12.15 -34.35
N ARG A 345 -15.15 -12.05 -34.38
CA ARG A 345 -16.04 -12.27 -33.23
C ARG A 345 -17.19 -13.19 -33.63
N ASP A 346 -17.57 -14.12 -32.76
CA ASP A 346 -18.84 -14.89 -32.84
C ASP A 346 -19.68 -14.53 -31.63
N PRO A 347 -20.62 -13.55 -31.75
CA PRO A 347 -21.52 -13.20 -30.65
C PRO A 347 -22.36 -14.36 -30.11
N ALA A 348 -22.56 -15.43 -30.92
CA ALA A 348 -23.27 -16.66 -30.52
C ALA A 348 -22.43 -17.47 -29.52
N LEU A 349 -21.11 -17.24 -29.48
CA LEU A 349 -20.13 -17.91 -28.57
C LEU A 349 -20.10 -19.41 -28.85
N LYS A 350 -20.33 -19.81 -30.11
CA LYS A 350 -20.47 -21.24 -30.54
C LYS A 350 -19.16 -21.75 -31.13
N HIS A 351 -18.44 -20.92 -31.90
CA HIS A 351 -17.15 -21.27 -32.55
C HIS A 351 -16.21 -21.88 -31.51
N PRO A 352 -15.55 -23.03 -31.81
CA PRO A 352 -14.70 -23.70 -30.82
C PRO A 352 -13.42 -22.93 -30.46
N ARG A 353 -13.04 -21.92 -31.25
CA ARG A 353 -11.84 -21.08 -31.03
C ARG A 353 -12.24 -19.71 -30.48
N CYS A 354 -13.51 -19.55 -30.09
CA CYS A 354 -13.96 -18.45 -29.19
C CYS A 354 -13.18 -18.53 -27.88
N VAL A 355 -12.67 -17.38 -27.41
CA VAL A 355 -11.92 -17.24 -26.13
C VAL A 355 -12.64 -18.04 -25.04
N ILE A 356 -13.95 -17.80 -24.87
CA ILE A 356 -14.79 -18.42 -23.78
C ILE A 356 -14.71 -19.95 -23.88
N ASN A 357 -14.74 -20.51 -25.08
CA ASN A 357 -14.76 -21.99 -25.31
C ASN A 357 -13.38 -22.56 -25.03
N LEU A 358 -12.32 -21.84 -25.42
CA LEU A 358 -10.91 -22.20 -25.13
C LEU A 358 -10.66 -22.06 -23.62
N LEU A 359 -11.28 -21.07 -22.97
CA LEU A 359 -11.22 -20.87 -21.50
C LEU A 359 -11.82 -22.09 -20.80
N LYS A 360 -13.05 -22.47 -21.18
CA LYS A 360 -13.77 -23.65 -20.62
C LYS A 360 -12.87 -24.88 -20.75
N LYS A 361 -12.32 -25.13 -21.93
CA LYS A 361 -11.41 -26.27 -22.20
C LYS A 361 -10.22 -26.19 -21.22
N HIS A 362 -9.55 -25.04 -21.15
CA HIS A 362 -8.27 -24.87 -20.40
C HIS A 362 -8.43 -25.20 -18.92
N TYR A 363 -9.56 -24.84 -18.29
CA TYR A 363 -9.75 -24.92 -16.82
C TYR A 363 -10.57 -26.15 -16.42
N GLU A 364 -10.85 -27.06 -17.36
CA GLU A 364 -11.56 -28.34 -17.07
C GLU A 364 -10.76 -29.15 -16.04
N ARG A 365 -9.42 -29.00 -16.02
CA ARG A 365 -8.48 -29.83 -15.23
C ARG A 365 -8.49 -29.43 -13.75
N TYR A 366 -9.02 -28.26 -13.38
CA TYR A 366 -8.96 -27.73 -12.00
C TYR A 366 -10.20 -28.18 -11.21
N ASN A 367 -10.46 -29.49 -11.19
CA ASN A 367 -11.56 -30.11 -10.40
C ASN A 367 -11.25 -29.95 -8.90
N LEU A 368 -12.29 -30.00 -8.07
CA LEU A 368 -12.21 -29.69 -6.61
C LEU A 368 -11.20 -30.62 -5.91
N ASP A 369 -11.15 -31.90 -6.31
CA ASP A 369 -10.28 -32.93 -5.69
C ASP A 369 -8.80 -32.51 -5.87
N LYS A 370 -8.39 -32.18 -7.08
CA LYS A 370 -6.99 -31.77 -7.39
C LYS A 370 -6.66 -30.47 -6.64
N VAL A 371 -7.53 -29.47 -6.74
CA VAL A 371 -7.32 -28.12 -6.11
C VAL A 371 -7.21 -28.30 -4.59
N ALA A 372 -8.13 -29.06 -3.98
CA ALA A 372 -8.15 -29.36 -2.53
C ALA A 372 -6.81 -29.95 -2.09
N ALA A 373 -6.34 -30.99 -2.79
CA ALA A 373 -5.10 -31.73 -2.47
C ALA A 373 -3.90 -30.76 -2.42
N ILE A 374 -3.79 -29.87 -3.42
CA ILE A 374 -2.63 -28.95 -3.58
C ILE A 374 -2.76 -27.73 -2.66
N THR A 375 -3.96 -27.16 -2.50
CA THR A 375 -4.18 -25.94 -1.66
C THR A 375 -4.10 -26.30 -0.17
N GLY A 376 -4.46 -27.53 0.17
CA GLY A 376 -4.64 -27.96 1.57
C GLY A 376 -5.96 -27.49 2.13
N THR A 377 -6.81 -26.89 1.30
CA THR A 377 -8.17 -26.41 1.66
C THR A 377 -9.14 -27.58 1.49
N SER A 378 -9.97 -27.86 2.49
CA SER A 378 -11.01 -28.92 2.45
C SER A 378 -11.95 -28.66 1.25
N LYS A 379 -12.42 -29.72 0.60
CA LYS A 379 -13.41 -29.62 -0.52
C LYS A 379 -14.63 -28.85 -0.02
N GLU A 380 -15.04 -29.05 1.24
CA GLU A 380 -16.20 -28.38 1.88
C GLU A 380 -16.02 -26.85 1.83
N GLN A 381 -14.87 -26.35 2.28
CA GLN A 381 -14.55 -24.90 2.36
C GLN A 381 -14.42 -24.31 0.96
N LEU A 382 -13.76 -25.01 0.04
CA LEU A 382 -13.64 -24.60 -1.38
C LEU A 382 -15.04 -24.38 -1.95
N GLN A 383 -15.94 -25.36 -1.77
CA GLN A 383 -17.33 -25.32 -2.27
C GLN A 383 -18.05 -24.12 -1.64
N GLN A 384 -17.86 -23.93 -0.34
CA GLN A 384 -18.42 -22.79 0.46
C GLN A 384 -17.94 -21.47 -0.15
N VAL A 385 -16.63 -21.29 -0.28
CA VAL A 385 -16.00 -20.03 -0.79
C VAL A 385 -16.46 -19.81 -2.23
N TYR A 386 -16.36 -20.83 -3.07
CA TYR A 386 -16.72 -20.81 -4.51
C TYR A 386 -18.18 -20.39 -4.66
N LYS A 387 -19.09 -20.97 -3.87
CA LYS A 387 -20.55 -20.71 -3.92
C LYS A 387 -20.84 -19.25 -3.50
N ALA A 388 -20.33 -18.84 -2.34
CA ALA A 388 -20.49 -17.47 -1.80
C ALA A 388 -20.08 -16.44 -2.86
N TYR A 389 -18.89 -16.58 -3.44
CA TYR A 389 -18.30 -15.53 -4.31
C TYR A 389 -18.92 -15.56 -5.71
N ALA A 390 -19.11 -16.74 -6.31
CA ALA A 390 -19.66 -16.89 -7.69
C ALA A 390 -21.15 -16.51 -7.71
N ALA A 391 -21.78 -16.40 -6.55
CA ALA A 391 -23.16 -15.85 -6.40
C ALA A 391 -23.19 -14.39 -6.86
N THR A 392 -22.03 -13.69 -6.86
CA THR A 392 -21.93 -12.25 -7.25
C THR A 392 -22.01 -12.10 -8.78
N GLY A 393 -22.01 -13.21 -9.53
CA GLY A 393 -22.30 -13.23 -10.98
C GLY A 393 -23.68 -12.68 -11.31
N LYS A 394 -24.58 -12.67 -10.32
CA LYS A 394 -25.91 -12.01 -10.37
C LYS A 394 -25.72 -10.56 -10.80
N PRO A 395 -26.50 -10.02 -11.78
CA PRO A 395 -26.38 -8.62 -12.18
C PRO A 395 -26.58 -7.61 -11.05
N ASP A 396 -27.36 -7.94 -10.02
CA ASP A 396 -27.70 -7.04 -8.89
C ASP A 396 -26.87 -7.42 -7.66
N LYS A 397 -25.79 -8.21 -7.84
CA LYS A 397 -24.78 -8.53 -6.80
C LYS A 397 -23.39 -8.15 -7.31
N ALA A 398 -22.51 -7.70 -6.42
CA ALA A 398 -21.13 -7.28 -6.73
C ALA A 398 -20.17 -8.00 -5.77
N GLY A 399 -19.11 -8.58 -6.33
CA GLY A 399 -17.99 -9.17 -5.57
C GLY A 399 -16.71 -8.41 -5.83
N THR A 400 -15.91 -8.18 -4.78
CA THR A 400 -14.58 -7.53 -4.88
C THR A 400 -13.53 -8.52 -4.42
N ILE A 401 -12.35 -8.49 -5.05
CA ILE A 401 -11.13 -9.20 -4.58
C ILE A 401 -10.12 -8.16 -4.10
N MET A 402 -9.67 -8.28 -2.84
CA MET A 402 -8.60 -7.44 -2.23
C MET A 402 -7.31 -8.26 -2.12
N TYR A 403 -6.26 -7.80 -2.78
CA TYR A 403 -4.87 -8.31 -2.67
C TYR A 403 -3.93 -7.10 -2.62
N ALA A 404 -2.78 -7.22 -1.96
CA ALA A 404 -1.78 -6.13 -1.83
C ALA A 404 -0.45 -6.61 -2.42
N MET A 405 0.41 -7.18 -1.58
CA MET A 405 1.69 -7.82 -1.99
C MET A 405 1.45 -9.34 -2.05
N GLY A 406 0.98 -9.94 -0.94
CA GLY A 406 0.83 -11.38 -0.78
C GLY A 406 2.08 -12.09 -1.28
N TRP A 407 1.93 -13.17 -2.04
CA TRP A 407 3.05 -13.80 -2.80
C TRP A 407 2.76 -13.72 -4.30
N THR A 408 3.01 -12.55 -4.89
CA THR A 408 2.74 -12.22 -6.32
C THR A 408 4.03 -11.73 -6.99
N HIS A 410 6.72 -13.65 -7.53
CA HIS A 410 7.36 -14.87 -8.12
C HIS A 410 7.05 -14.97 -9.62
N SER A 411 7.65 -15.96 -10.28
CA SER A 411 7.56 -16.28 -11.72
C SER A 411 6.16 -16.00 -12.28
N VAL A 412 5.10 -16.53 -11.65
CA VAL A 412 3.72 -16.53 -12.18
C VAL A 412 2.78 -15.65 -11.34
N GLY A 413 3.35 -14.67 -10.61
CA GLY A 413 2.58 -13.66 -9.84
C GLY A 413 1.68 -12.84 -10.74
N VAL A 414 2.14 -12.52 -11.95
CA VAL A 414 1.35 -11.77 -12.97
C VAL A 414 0.10 -12.58 -13.30
N GLN A 415 0.24 -13.91 -13.47
CA GLN A 415 -0.83 -14.83 -13.94
C GLN A 415 -1.84 -15.06 -12.80
N ASN A 416 -1.38 -15.00 -11.54
CA ASN A 416 -2.23 -15.05 -10.32
C ASN A 416 -3.28 -13.93 -10.41
N ILE A 417 -2.83 -12.69 -10.61
CA ILE A 417 -3.67 -11.46 -10.70
C ILE A 417 -4.51 -11.50 -11.98
N ARG A 418 -3.96 -12.04 -13.08
CA ARG A 418 -4.71 -12.29 -14.33
C ARG A 418 -5.96 -13.12 -14.02
N ALA A 419 -5.82 -14.17 -13.20
CA ALA A 419 -6.92 -15.11 -12.86
C ALA A 419 -8.00 -14.39 -12.04
N MET A 420 -7.59 -13.50 -11.13
CA MET A 420 -8.51 -12.65 -10.32
C MET A 420 -9.31 -11.75 -11.27
N ALA A 421 -8.63 -11.09 -12.21
CA ALA A 421 -9.25 -10.20 -13.23
C ALA A 421 -10.22 -10.99 -14.09
N MET A 422 -9.87 -12.24 -14.44
CA MET A 422 -10.69 -13.13 -15.31
C MET A 422 -11.96 -13.56 -14.57
N ILE A 423 -11.83 -13.92 -13.29
CA ILE A 423 -12.99 -14.27 -12.41
C ILE A 423 -13.95 -13.07 -12.39
N GLN A 424 -13.41 -11.86 -12.21
CA GLN A 424 -14.20 -10.60 -12.07
C GLN A 424 -14.89 -10.27 -13.39
N LEU A 425 -14.24 -10.48 -14.53
CA LEU A 425 -14.84 -10.27 -15.88
C LEU A 425 -15.97 -11.30 -16.08
N LEU A 426 -15.76 -12.57 -15.72
CA LEU A 426 -16.79 -13.64 -15.85
C LEU A 426 -18.04 -13.24 -15.05
N LEU A 427 -17.88 -12.78 -13.81
CA LEU A 427 -19.01 -12.45 -12.90
C LEU A 427 -19.53 -11.02 -13.15
N GLY A 428 -18.92 -10.29 -14.10
CA GLY A 428 -19.27 -8.90 -14.43
C GLY A 428 -19.15 -7.97 -13.23
N ASN A 429 -18.08 -8.16 -12.42
CA ASN A 429 -17.78 -7.36 -11.21
C ASN A 429 -16.82 -6.21 -11.53
N ILE A 430 -16.41 -6.02 -12.78
CA ILE A 430 -15.51 -4.90 -13.18
C ILE A 430 -16.35 -3.73 -13.69
N GLY A 431 -16.20 -2.55 -13.07
CA GLY A 431 -16.84 -1.28 -13.45
C GLY A 431 -18.01 -0.92 -12.54
N VAL A 432 -18.36 -1.78 -11.57
CA VAL A 432 -19.60 -1.68 -10.74
C VAL A 432 -19.22 -1.35 -9.30
N ALA A 433 -20.16 -0.77 -8.54
CA ALA A 433 -20.01 -0.47 -7.10
C ALA A 433 -19.93 -1.79 -6.32
N GLY A 434 -18.89 -1.93 -5.48
CA GLY A 434 -18.65 -3.13 -4.66
C GLY A 434 -17.90 -4.20 -5.42
N GLY A 435 -17.51 -3.91 -6.67
CA GLY A 435 -16.82 -4.85 -7.56
C GLY A 435 -15.33 -4.55 -7.62
N GLY A 436 -14.70 -4.86 -8.76
CA GLY A 436 -13.34 -4.44 -9.13
C GLY A 436 -12.27 -5.38 -8.61
N VAL A 437 -11.05 -5.25 -9.16
CA VAL A 437 -9.80 -5.81 -8.58
C VAL A 437 -9.17 -4.68 -7.75
N ASN A 438 -9.37 -4.71 -6.43
CA ASN A 438 -8.82 -3.70 -5.50
C ASN A 438 -7.39 -4.12 -5.14
N ALA A 439 -6.46 -3.92 -6.08
CA ALA A 439 -5.01 -4.08 -5.91
C ALA A 439 -4.53 -2.95 -4.99
N LEU A 440 -4.38 -3.25 -3.70
CA LEU A 440 -4.09 -2.24 -2.64
C LEU A 440 -2.62 -1.84 -2.75
N ARG A 441 -2.36 -0.56 -3.05
CA ARG A 441 -1.00 0.04 -3.05
C ARG A 441 -0.52 0.14 -1.60
N GLY A 442 0.79 0.13 -1.40
CA GLY A 442 1.44 0.10 -0.08
C GLY A 442 1.58 1.48 0.54
N GLU A 443 2.56 2.25 0.05
CA GLU A 443 2.97 3.55 0.65
C GLU A 443 1.97 4.64 0.23
N SER A 444 1.89 5.71 1.03
CA SER A 444 0.98 6.88 0.88
C SER A 444 0.96 7.39 -0.57
N ASN A 445 2.10 7.40 -1.26
CA ASN A 445 2.21 7.99 -2.63
C ASN A 445 2.95 7.05 -3.59
N VAL A 446 2.88 5.74 -3.39
CA VAL A 446 3.49 4.75 -4.35
C VAL A 446 2.73 4.85 -5.68
N GLN A 447 1.43 5.18 -5.65
CA GLN A 447 0.64 5.41 -6.88
C GLN A 447 1.20 6.64 -7.60
N GLY A 448 1.34 7.76 -6.89
CA GLY A 448 1.86 9.03 -7.44
C GLY A 448 3.29 8.89 -7.93
N SER A 449 4.17 8.28 -7.13
CA SER A 449 5.61 8.09 -7.45
C SER A 449 5.77 7.24 -8.71
N THR A 450 4.88 6.25 -8.91
CA THR A 450 4.82 5.40 -10.12
C THR A 450 4.31 6.25 -11.29
N ASP A 451 3.23 7.02 -11.06
CA ASP A 451 2.63 7.96 -12.04
C ASP A 451 3.68 8.97 -12.52
N GLN A 452 4.67 9.32 -11.68
CA GLN A 452 5.74 10.30 -12.02
C GLN A 452 6.96 9.58 -12.62
N GLY A 453 6.85 8.27 -12.87
CA GLY A 453 7.85 7.50 -13.64
C GLY A 453 9.17 7.34 -12.90
N LEU A 454 9.15 7.08 -11.60
CA LEU A 454 10.36 6.75 -10.80
C LEU A 454 10.63 5.25 -10.89
N LEU A 455 10.35 4.65 -12.05
CA LEU A 455 10.81 3.29 -12.46
C LEU A 455 11.57 3.43 -13.79
N ALA A 456 12.47 2.49 -14.08
CA ALA A 456 13.46 2.59 -15.17
C ALA A 456 12.77 2.60 -16.55
N HIS A 457 11.57 2.02 -16.66
CA HIS A 457 10.91 1.70 -17.96
C HIS A 457 9.87 2.78 -18.34
N ILE A 458 9.53 3.71 -17.45
CA ILE A 458 8.43 4.69 -17.68
C ILE A 458 8.86 6.11 -17.30
N TRP A 459 8.57 7.04 -18.19
CA TRP A 459 8.40 8.50 -17.93
C TRP A 459 7.10 8.70 -17.17
N PRO A 460 6.78 9.93 -16.70
CA PRO A 460 5.45 10.26 -16.19
C PRO A 460 4.33 9.96 -17.20
N GLY A 461 3.15 9.57 -16.69
CA GLY A 461 1.96 9.23 -17.48
C GLY A 461 2.09 7.90 -18.21
N TYR A 462 2.99 7.02 -17.76
CA TYR A 462 3.19 5.65 -18.31
C TYR A 462 3.45 5.71 -19.82
N ASN A 463 4.16 6.74 -20.27
CA ASN A 463 4.84 6.79 -21.59
C ASN A 463 6.17 6.08 -21.42
N PRO A 464 6.48 5.02 -22.21
CA PRO A 464 7.73 4.28 -22.03
C PRO A 464 8.96 5.17 -22.12
N VAL A 465 10.03 4.80 -21.40
CA VAL A 465 11.40 5.36 -21.62
C VAL A 465 11.86 4.85 -22.99
N PRO A 466 12.30 5.72 -23.91
CA PRO A 466 12.76 5.28 -25.23
C PRO A 466 13.93 4.28 -25.11
N ASN A 467 13.94 3.26 -25.98
CA ASN A 467 15.12 2.36 -26.13
C ASN A 467 15.99 2.91 -27.26
N SER A 468 17.17 2.32 -27.46
CA SER A 468 18.21 2.76 -28.43
C SER A 468 17.65 2.81 -29.86
N LYS A 469 16.69 1.94 -30.18
CA LYS A 469 16.11 1.80 -31.56
C LYS A 469 15.13 2.93 -31.86
N ALA A 470 14.61 3.63 -30.84
CA ALA A 470 13.61 4.71 -30.97
C ALA A 470 14.33 6.03 -31.28
N ALA A 471 15.00 6.12 -32.44
CA ALA A 471 15.99 7.15 -32.80
C ALA A 471 15.35 8.53 -32.91
N THR A 472 14.05 8.63 -33.24
CA THR A 472 13.30 9.91 -33.37
C THR A 472 11.97 9.84 -32.62
N LEU A 473 11.32 10.99 -32.46
CA LEU A 473 10.01 11.12 -31.77
C LEU A 473 8.92 10.41 -32.60
N GLU A 474 8.97 10.54 -33.93
CA GLU A 474 8.01 9.89 -34.86
C GLU A 474 8.06 8.37 -34.66
N LEU A 475 9.26 7.79 -34.49
CA LEU A 475 9.48 6.33 -34.34
C LEU A 475 8.92 5.87 -32.98
N TYR A 476 9.19 6.64 -31.92
CA TYR A 476 8.66 6.41 -30.55
C TYR A 476 7.13 6.29 -30.61
N ASN A 477 6.48 7.24 -31.29
CA ASN A 477 5.00 7.33 -31.42
C ASN A 477 4.46 6.25 -32.37
N ALA A 478 5.31 5.66 -33.22
CA ALA A 478 4.94 4.63 -34.21
C ALA A 478 4.58 3.31 -33.53
N ALA A 479 5.05 3.09 -32.29
CA ALA A 479 4.95 1.79 -31.56
C ALA A 479 3.53 1.58 -31.01
N THR A 480 2.71 2.63 -30.93
CA THR A 480 1.33 2.56 -30.37
C THR A 480 0.45 1.77 -31.35
N PRO A 481 -0.13 0.62 -30.93
CA PRO A 481 -1.02 -0.15 -31.81
C PRO A 481 -2.28 0.65 -32.14
N GLN A 482 -2.80 0.49 -33.35
CA GLN A 482 -4.06 1.14 -33.82
C GLN A 482 -5.17 0.08 -33.89
N SER A 483 -6.42 0.54 -33.90
CA SER A 483 -7.64 -0.28 -34.05
C SER A 483 -8.45 0.25 -35.24
N LYS A 484 -8.92 -0.65 -36.12
CA LYS A 484 -9.80 -0.33 -37.27
C LYS A 484 -11.27 -0.50 -36.85
N ASP A 485 -11.51 -0.86 -35.59
CA ASP A 485 -12.86 -1.05 -34.99
C ASP A 485 -13.40 0.32 -34.59
N PRO A 486 -14.53 0.79 -35.19
CA PRO A 486 -15.06 2.12 -34.87
C PRO A 486 -15.67 2.25 -33.47
N MET A 487 -16.01 1.14 -32.81
CA MET A 487 -16.54 1.10 -31.43
C MET A 487 -15.38 1.10 -30.41
N SER A 488 -14.15 0.85 -30.86
CA SER A 488 -12.92 0.80 -30.03
C SER A 488 -12.32 2.21 -29.91
N VAL A 489 -12.33 2.78 -28.70
CA VAL A 489 -11.83 4.15 -28.41
C VAL A 489 -10.30 4.17 -28.59
N ASN A 490 -9.62 3.14 -28.07
CA ASN A 490 -8.12 2.98 -28.11
C ASN A 490 -7.47 4.33 -27.75
N TRP A 491 -7.66 4.77 -26.52
CA TRP A 491 -7.30 6.15 -26.05
C TRP A 491 -5.81 6.42 -26.20
N TRP A 492 -4.97 5.39 -26.05
CA TRP A 492 -3.48 5.50 -26.13
C TRP A 492 -3.02 6.04 -27.49
N GLN A 493 -3.93 6.16 -28.48
CA GLN A 493 -3.61 6.76 -29.80
C GLN A 493 -3.29 8.26 -29.61
N ASN A 494 -3.70 8.85 -28.48
CA ASN A 494 -3.46 10.27 -28.12
C ASN A 494 -2.04 10.45 -27.53
N ARG A 495 -1.28 9.36 -27.34
CA ARG A 495 0.06 9.36 -26.70
C ARG A 495 0.94 10.48 -27.25
N PRO A 496 0.98 10.74 -28.58
CA PRO A 496 1.82 11.82 -29.12
C PRO A 496 1.56 13.20 -28.53
N LYS A 497 0.32 13.49 -28.12
CA LYS A 497 -0.08 14.76 -27.48
C LYS A 497 0.57 14.84 -26.09
N TYR A 498 0.66 13.70 -25.40
CA TYR A 498 1.13 13.59 -23.99
C TYR A 498 2.66 13.65 -23.96
N VAL A 499 3.32 12.95 -24.88
CA VAL A 499 4.81 12.92 -25.00
C VAL A 499 5.29 14.34 -25.37
N ALA A 500 4.67 14.95 -26.38
CA ALA A 500 5.02 16.31 -26.87
C ALA A 500 4.81 17.32 -25.73
N SER A 501 3.62 17.33 -25.14
CA SER A 501 3.22 18.20 -24.01
C SER A 501 4.17 18.01 -22.82
N TYR A 502 4.66 16.78 -22.62
CA TYR A 502 5.65 16.44 -21.56
C TYR A 502 6.97 17.17 -21.86
N LEU A 503 7.49 17.01 -23.07
CA LEU A 503 8.79 17.59 -23.50
C LEU A 503 8.71 19.12 -23.53
N LYS A 504 7.51 19.68 -23.74
CA LYS A 504 7.26 21.15 -23.73
C LYS A 504 7.23 21.68 -22.29
N ALA A 505 6.96 20.82 -21.29
CA ALA A 505 6.95 21.18 -19.86
C ALA A 505 8.40 21.22 -19.35
N LEU A 506 9.26 20.33 -19.83
CA LEU A 506 10.69 20.25 -19.46
C LEU A 506 11.48 21.28 -20.26
N TYR A 507 11.26 21.34 -21.59
CA TYR A 507 12.03 22.14 -22.56
C TYR A 507 11.07 22.96 -23.42
N PRO A 508 10.47 24.04 -22.85
CA PRO A 508 9.38 24.76 -23.52
C PRO A 508 9.79 25.65 -24.70
N ASP A 509 11.09 25.92 -24.85
CA ASP A 509 11.65 26.81 -25.91
C ASP A 509 12.03 25.98 -27.14
N GLU A 510 12.10 24.66 -27.00
CA GLU A 510 12.51 23.70 -28.07
C GLU A 510 11.28 23.05 -28.69
N GLU A 511 11.45 22.55 -29.93
CA GLU A 511 10.51 21.61 -30.60
C GLU A 511 10.54 20.28 -29.86
N PRO A 512 9.38 19.64 -29.59
CA PRO A 512 9.34 18.32 -28.97
C PRO A 512 10.32 17.33 -29.62
N ALA A 513 10.32 17.25 -30.95
CA ALA A 513 11.18 16.35 -31.75
C ALA A 513 12.65 16.60 -31.41
N ALA A 514 13.03 17.85 -31.14
CA ALA A 514 14.41 18.26 -30.79
C ALA A 514 14.70 17.89 -29.34
N ALA A 515 13.79 18.21 -28.42
CA ALA A 515 13.92 17.96 -26.96
C ALA A 515 14.07 16.45 -26.70
N TYR A 516 13.37 15.62 -27.49
CA TYR A 516 13.36 14.14 -27.41
C TYR A 516 14.79 13.58 -27.30
N ASP A 517 15.78 14.29 -27.84
CA ASP A 517 17.20 13.86 -27.89
C ASP A 517 17.92 14.13 -26.57
N TYR A 518 17.37 14.98 -25.69
CA TYR A 518 18.00 15.37 -24.40
C TYR A 518 17.92 14.24 -23.38
N LEU A 519 16.79 13.52 -23.35
CA LEU A 519 16.49 12.48 -22.32
C LEU A 519 17.15 11.17 -22.69
N PRO A 520 17.73 10.45 -21.69
CA PRO A 520 18.46 9.22 -21.95
C PRO A 520 17.56 8.08 -22.46
N ARG A 521 18.17 7.09 -23.11
CA ARG A 521 17.50 5.90 -23.69
C ARG A 521 18.18 4.63 -23.16
N ILE A 522 17.40 3.58 -22.95
CA ILE A 522 17.91 2.24 -22.52
C ILE A 522 18.31 1.44 -23.77
N ASP A 523 19.13 0.41 -23.61
CA ASP A 523 19.56 -0.51 -24.70
C ASP A 523 18.37 -1.38 -25.14
N ALA A 524 17.95 -1.25 -26.40
CA ALA A 524 16.89 -2.07 -27.04
C ALA A 524 17.28 -3.55 -26.99
N GLY A 525 18.58 -3.85 -27.06
CA GLY A 525 19.14 -5.22 -27.15
C GLY A 525 19.16 -5.94 -25.80
N ARG A 526 19.06 -5.21 -24.69
CA ARG A 526 19.22 -5.76 -23.31
C ARG A 526 17.84 -6.05 -22.71
N LYS A 527 17.77 -7.01 -21.78
CA LYS A 527 16.54 -7.32 -20.99
C LYS A 527 16.14 -6.04 -20.25
N LEU A 528 14.85 -5.70 -20.25
CA LEU A 528 14.32 -4.52 -19.50
C LEU A 528 14.70 -4.66 -18.02
N THR A 529 14.64 -5.89 -17.47
CA THR A 529 14.83 -6.21 -16.03
C THR A 529 16.29 -5.96 -15.59
N ASP A 530 17.21 -5.72 -16.52
CA ASP A 530 18.63 -5.40 -16.22
C ASP A 530 18.75 -3.98 -15.63
N TYR A 531 17.71 -3.14 -15.75
CA TYR A 531 17.69 -1.74 -15.26
C TYR A 531 16.91 -1.62 -13.94
N PHE A 532 16.48 -2.75 -13.35
CA PHE A 532 15.47 -2.81 -12.27
C PHE A 532 16.14 -3.06 -10.91
N TRP A 533 15.37 -2.86 -9.84
CA TRP A 533 15.71 -3.09 -8.40
C TRP A 533 16.82 -4.13 -8.26
N LEU A 534 16.53 -5.40 -8.56
CA LEU A 534 17.37 -6.56 -8.16
C LEU A 534 18.73 -6.53 -8.86
N ASN A 535 18.79 -6.08 -10.12
CA ASN A 535 20.05 -6.03 -10.90
C ASN A 535 20.87 -4.79 -10.54
N ILE A 536 20.25 -3.76 -9.95
CA ILE A 536 20.98 -2.57 -9.41
C ILE A 536 21.82 -3.03 -8.21
N PHE A 537 21.31 -3.97 -7.41
CA PHE A 537 22.02 -4.57 -6.25
C PHE A 537 23.11 -5.54 -6.75
N GLU A 538 22.84 -6.25 -7.86
CA GLU A 538 23.80 -7.18 -8.51
C GLU A 538 24.98 -6.37 -9.07
N LYS A 539 24.70 -5.35 -9.88
CA LYS A 539 25.70 -4.42 -10.47
C LYS A 539 26.52 -3.74 -9.37
N MET A 540 25.87 -3.32 -8.29
CA MET A 540 26.51 -2.62 -7.14
C MET A 540 27.58 -3.54 -6.53
N ASP A 541 27.25 -4.82 -6.35
CA ASP A 541 28.11 -5.86 -5.75
C ASP A 541 29.31 -6.14 -6.67
N LYS A 542 29.14 -5.93 -7.98
CA LYS A 542 30.22 -6.07 -8.99
C LYS A 542 30.96 -4.73 -9.16
N GLY A 543 30.70 -3.76 -8.27
CA GLY A 543 31.38 -2.45 -8.22
C GLY A 543 31.23 -1.64 -9.50
N GLU A 544 30.11 -1.82 -10.23
CA GLU A 544 29.87 -1.17 -11.55
C GLU A 544 29.15 0.18 -11.36
N PHE A 545 28.95 0.61 -10.11
CA PHE A 545 28.32 1.91 -9.76
C PHE A 545 29.29 2.72 -8.90
N LYS A 546 29.58 3.95 -9.34
CA LYS A 546 30.38 4.96 -8.58
C LYS A 546 29.48 5.58 -7.51
N GLY A 547 28.26 5.99 -7.90
CA GLY A 547 27.31 6.74 -7.06
C GLY A 547 25.99 6.02 -6.88
N LEU A 548 25.35 6.20 -5.72
CA LEU A 548 23.96 5.77 -5.43
C LEU A 548 23.22 6.88 -4.67
N PHE A 549 22.03 7.24 -5.14
CA PHE A 549 21.02 8.00 -4.36
C PHE A 549 20.13 6.99 -3.62
N ALA A 550 20.23 6.95 -2.29
CA ALA A 550 19.26 6.31 -1.37
C ALA A 550 18.32 7.41 -0.86
N TRP A 551 17.34 7.79 -1.69
CA TRP A 551 16.45 8.95 -1.45
C TRP A 551 15.12 8.44 -0.88
N GLY A 552 14.95 8.46 0.44
CA GLY A 552 13.70 8.08 1.13
C GLY A 552 13.45 6.58 1.07
N MET A 553 14.52 5.78 1.16
CA MET A 553 14.46 4.30 1.25
C MET A 553 15.62 3.82 2.13
N ASN A 554 15.51 2.61 2.67
CA ASN A 554 16.52 1.98 3.57
C ASN A 554 16.96 0.66 2.94
N PRO A 555 17.67 0.70 1.78
CA PRO A 555 18.15 -0.50 1.11
C PRO A 555 18.82 -1.55 2.02
N ALA A 556 19.62 -1.09 2.98
CA ALA A 556 20.42 -1.95 3.91
C ALA A 556 19.50 -2.85 4.73
N CYS A 557 18.20 -2.54 4.81
CA CYS A 557 17.15 -3.38 5.44
C CYS A 557 16.11 -3.83 4.42
N GLY A 558 15.70 -2.94 3.52
CA GLY A 558 14.68 -3.20 2.47
C GLY A 558 15.10 -4.30 1.50
N GLY A 559 16.33 -4.24 0.98
CA GLY A 559 16.84 -5.19 -0.02
C GLY A 559 16.94 -6.59 0.56
N ALA A 560 16.62 -7.62 -0.24
CA ALA A 560 16.79 -9.04 0.10
C ALA A 560 18.28 -9.38 0.14
N ASN A 561 18.68 -10.32 1.03
CA ASN A 561 20.09 -10.71 1.28
C ASN A 561 20.88 -9.49 1.75
N ALA A 562 20.58 -9.02 2.97
CA ALA A 562 21.09 -7.75 3.54
C ALA A 562 22.61 -7.79 3.67
N ASN A 563 23.17 -8.93 4.11
CA ASN A 563 24.64 -9.14 4.26
C ASN A 563 25.33 -8.77 2.95
N LYS A 564 24.88 -9.32 1.82
CA LYS A 564 25.41 -9.05 0.47
C LYS A 564 25.34 -7.54 0.19
N ASN A 565 24.16 -6.95 0.33
CA ASN A 565 23.86 -5.55 -0.06
C ASN A 565 24.70 -4.59 0.78
N ARG A 566 24.80 -4.84 2.09
CA ARG A 566 25.57 -4.01 3.06
C ARG A 566 27.07 -4.04 2.69
N LYS A 567 27.59 -5.19 2.26
CA LYS A 567 28.98 -5.35 1.75
C LYS A 567 29.10 -4.63 0.40
N ALA A 568 28.09 -4.75 -0.45
CA ALA A 568 28.07 -4.21 -1.83
C ALA A 568 28.14 -2.68 -1.80
N MET A 569 27.51 -2.05 -0.80
CA MET A 569 27.46 -0.56 -0.65
C MET A 569 28.87 -0.03 -0.36
N GLY A 570 29.75 -0.86 0.25
CA GLY A 570 31.18 -0.55 0.48
C GLY A 570 31.93 -0.29 -0.82
N LYS A 571 31.48 -0.89 -1.93
CA LYS A 571 32.14 -0.82 -3.26
C LYS A 571 31.71 0.46 -4.01
N LEU A 572 30.87 1.30 -3.40
CA LEU A 572 30.49 2.64 -3.91
C LEU A 572 31.58 3.65 -3.50
N GLU A 573 31.89 4.61 -4.39
CA GLU A 573 32.79 5.75 -4.07
C GLU A 573 32.01 6.79 -3.25
N TRP A 574 30.75 7.07 -3.62
CA TRP A 574 29.87 8.01 -2.87
C TRP A 574 28.43 7.51 -2.80
N LEU A 575 27.77 7.81 -1.68
CA LEU A 575 26.34 7.50 -1.37
C LEU A 575 25.67 8.77 -0.85
N VAL A 576 24.54 9.16 -1.44
CA VAL A 576 23.68 10.28 -0.98
C VAL A 576 22.39 9.68 -0.37
N ASN A 577 22.22 9.82 0.95
CA ASN A 577 21.04 9.34 1.71
C ASN A 577 20.22 10.55 2.16
N VAL A 578 18.96 10.64 1.74
CA VAL A 578 18.00 11.71 2.13
C VAL A 578 16.86 11.05 2.92
N ASN A 579 16.85 11.23 4.24
CA ASN A 579 15.86 10.57 5.14
C ASN A 579 15.65 11.42 6.39
N LEU A 580 14.71 11.00 7.25
CA LEU A 580 14.26 11.75 8.45
C LEU A 580 15.26 11.52 9.60
N PHE A 581 15.75 10.29 9.74
CA PHE A 581 16.67 9.85 10.82
C PHE A 581 17.91 9.21 10.20
N GLU A 582 19.01 9.19 10.97
CA GLU A 582 20.18 8.32 10.73
C GLU A 582 19.65 6.88 10.73
N ASN A 583 20.19 6.01 9.87
CA ASN A 583 19.59 4.69 9.57
C ASN A 583 20.67 3.70 9.11
N GLU A 584 20.26 2.44 8.90
CA GLU A 584 21.15 1.30 8.55
C GLU A 584 21.82 1.56 7.19
N THR A 585 21.18 2.32 6.29
CA THR A 585 21.71 2.65 4.95
C THR A 585 22.80 3.73 5.08
N SER A 586 22.46 4.88 5.68
CA SER A 586 23.39 6.01 5.93
C SER A 586 24.64 5.52 6.67
N SER A 587 24.47 4.62 7.63
CA SER A 587 25.51 4.19 8.60
C SER A 587 25.84 2.71 8.42
N PHE A 588 25.72 2.19 7.19
CA PHE A 588 26.07 0.79 6.81
C PHE A 588 27.54 0.53 7.16
N TRP A 589 28.38 1.54 6.99
CA TRP A 589 29.86 1.50 7.14
C TRP A 589 30.28 1.19 8.58
N LYS A 590 29.42 1.43 9.57
CA LYS A 590 29.68 1.07 11.00
C LYS A 590 28.65 0.02 11.46
N GLY A 591 28.12 -0.77 10.52
CA GLY A 591 27.09 -1.80 10.78
C GLY A 591 27.69 -3.02 11.47
N PRO A 592 26.88 -4.08 11.72
CA PRO A 592 27.37 -5.31 12.34
C PRO A 592 28.43 -5.98 11.44
N GLY A 593 29.59 -6.29 12.02
CA GLY A 593 30.70 -7.00 11.34
C GLY A 593 31.53 -6.08 10.45
N MET A 594 31.13 -4.82 10.28
CA MET A 594 31.81 -3.84 9.40
C MET A 594 32.98 -3.20 10.15
N ASN A 595 34.01 -2.79 9.41
CA ASN A 595 35.19 -2.05 9.94
C ASN A 595 35.32 -0.74 9.16
N PRO A 596 34.86 0.40 9.72
CA PRO A 596 34.89 1.67 9.00
C PRO A 596 36.24 2.00 8.34
N ALA A 597 37.34 1.66 9.00
CA ALA A 597 38.74 2.01 8.61
C ALA A 597 39.07 1.53 7.20
N GLU A 598 38.39 0.50 6.68
CA GLU A 598 38.71 -0.14 5.37
C GLU A 598 37.51 -0.05 4.40
N ILE A 599 36.54 0.83 4.67
CA ILE A 599 35.37 1.12 3.78
C ILE A 599 35.52 2.55 3.27
N GLY A 600 35.74 2.72 1.96
CA GLY A 600 36.15 4.00 1.33
C GLY A 600 34.97 4.80 0.80
N THR A 601 33.73 4.34 1.04
CA THR A 601 32.49 4.98 0.55
C THR A 601 32.30 6.33 1.25
N GLU A 602 32.10 7.39 0.47
CA GLU A 602 31.92 8.79 0.95
C GLU A 602 30.42 9.07 1.08
N VAL A 603 29.90 9.15 2.31
CA VAL A 603 28.43 9.25 2.58
C VAL A 603 28.06 10.69 2.92
N PHE A 604 27.05 11.24 2.23
CA PHE A 604 26.31 12.47 2.61
C PHE A 604 24.92 12.06 3.10
N PHE A 605 24.59 12.37 4.37
CA PHE A 605 23.23 12.20 4.96
C PHE A 605 22.55 13.56 5.02
N LEU A 606 21.53 13.79 4.17
CA LEU A 606 20.72 15.04 4.15
C LEU A 606 19.40 14.79 4.86
N PRO A 607 19.11 15.48 5.98
CA PRO A 607 17.86 15.26 6.72
C PRO A 607 16.67 16.02 6.11
N CYS A 608 15.68 15.28 5.61
CA CYS A 608 14.41 15.85 5.05
C CYS A 608 13.43 16.09 6.21
N CYS A 609 12.42 16.93 5.98
CA CYS A 609 11.34 17.23 6.96
C CYS A 609 10.22 16.18 6.81
N VAL A 610 9.42 15.98 7.86
CA VAL A 610 8.25 15.06 7.88
C VAL A 610 7.12 15.66 7.04
N SER A 611 6.09 14.85 6.76
CA SER A 611 4.95 15.13 5.86
C SER A 611 4.18 16.39 6.31
N ILE A 612 4.04 16.61 7.62
CA ILE A 612 3.24 17.72 8.22
C ILE A 612 4.05 19.02 8.25
N GLU A 613 5.33 19.00 7.84
CA GLU A 613 6.22 20.18 7.79
C GLU A 613 6.31 20.73 6.35
N LYS A 614 5.43 20.31 5.45
CA LYS A 614 5.46 20.74 4.02
C LYS A 614 4.08 20.63 3.36
N GLU A 615 3.90 21.39 2.28
CA GLU A 615 2.68 21.41 1.43
C GLU A 615 2.91 20.48 0.24
N GLY A 616 1.84 19.99 -0.38
CA GLY A 616 1.91 19.14 -1.59
C GLY A 616 0.79 18.12 -1.63
N SER A 617 0.85 17.22 -2.60
CA SER A 617 -0.20 16.19 -2.87
C SER A 617 0.40 14.80 -2.73
N VAL A 618 -0.41 13.84 -2.28
CA VAL A 618 -0.13 12.38 -2.31
C VAL A 618 -1.34 11.71 -2.95
N ALA A 619 -1.08 10.77 -3.86
CA ALA A 619 -2.10 9.99 -4.61
C ALA A 619 -2.27 8.64 -3.91
N ASN A 620 -3.47 8.38 -3.38
CA ASN A 620 -3.78 7.15 -2.60
C ASN A 620 -4.02 6.00 -3.59
N SER A 621 -4.29 4.81 -3.07
CA SER A 621 -4.53 3.58 -3.87
C SER A 621 -5.69 3.80 -4.85
N GLY A 622 -6.72 4.56 -4.45
CA GLY A 622 -7.92 4.84 -5.24
C GLY A 622 -7.73 5.95 -6.26
N ARG A 623 -6.51 6.48 -6.36
CA ARG A 623 -6.07 7.52 -7.32
C ARG A 623 -6.52 8.91 -6.86
N TRP A 624 -7.04 9.02 -5.63
CA TRP A 624 -7.38 10.31 -4.98
C TRP A 624 -6.09 11.09 -4.73
N MET A 625 -5.88 12.16 -5.49
CA MET A 625 -4.73 13.09 -5.37
C MET A 625 -5.11 14.19 -4.36
N GLN A 626 -4.59 14.08 -3.14
CA GLN A 626 -5.07 14.84 -1.95
C GLN A 626 -4.04 15.90 -1.55
N TRP A 627 -4.42 17.17 -1.56
CA TRP A 627 -3.58 18.31 -1.12
C TRP A 627 -3.52 18.34 0.41
N ARG A 628 -2.31 18.50 0.96
CA ARG A 628 -2.05 18.71 2.40
C ARG A 628 -1.16 19.94 2.55
N TYR A 629 -1.15 20.52 3.75
CA TYR A 629 -0.59 21.86 4.07
C TYR A 629 0.49 21.73 5.14
N ARG A 630 1.35 22.74 5.23
CA ARG A 630 2.37 22.85 6.30
C ARG A 630 1.65 23.13 7.62
N GLY A 631 2.03 22.41 8.68
CA GLY A 631 1.69 22.75 10.07
C GLY A 631 2.87 23.44 10.72
N PRO A 632 3.76 22.70 11.43
CA PRO A 632 5.02 23.26 11.90
C PRO A 632 5.99 23.50 10.74
N LYS A 633 6.88 24.49 10.89
CA LYS A 633 8.05 24.70 10.00
C LYS A 633 8.98 23.49 10.13
N PRO A 634 9.82 23.21 9.11
CA PRO A 634 10.80 22.12 9.22
C PRO A 634 11.56 22.17 10.55
N TYR A 635 11.65 21.02 11.23
CA TYR A 635 12.40 20.85 12.50
C TYR A 635 13.88 21.13 12.25
N ALA A 636 14.51 21.94 13.12
CA ALA A 636 15.95 22.28 13.07
C ALA A 636 16.29 22.82 11.66
N GLU A 637 17.33 22.28 11.00
CA GLU A 637 17.76 22.74 9.65
C GLU A 637 17.32 21.74 8.57
N THR A 638 16.28 20.94 8.80
CA THR A 638 15.75 19.97 7.79
C THR A 638 15.08 20.76 6.68
N LYS A 639 14.97 20.17 5.48
CA LYS A 639 14.35 20.80 4.28
C LYS A 639 13.35 19.83 3.65
N PRO A 640 12.29 20.35 3.00
CA PRO A 640 11.49 19.53 2.08
C PRO A 640 12.38 18.93 0.98
N ASP A 641 12.01 17.76 0.48
CA ASP A 641 12.76 17.02 -0.58
C ASP A 641 12.87 17.89 -1.84
N GLY A 642 11.83 18.66 -2.16
CA GLY A 642 11.80 19.58 -3.31
C GLY A 642 12.96 20.55 -3.26
N ASP A 643 13.20 21.16 -2.10
CA ASP A 643 14.28 22.18 -1.90
C ASP A 643 15.65 21.50 -1.99
N ILE A 644 15.81 20.33 -1.37
CA ILE A 644 17.09 19.56 -1.40
C ILE A 644 17.45 19.29 -2.86
N MET A 645 16.54 18.64 -3.60
CA MET A 645 16.80 18.15 -4.99
C MET A 645 16.98 19.34 -5.94
N LEU A 646 16.22 20.43 -5.75
CA LEU A 646 16.27 21.63 -6.63
C LEU A 646 17.58 22.40 -6.39
N ASP A 647 17.95 22.61 -5.11
CA ASP A 647 19.21 23.29 -4.72
C ASP A 647 20.40 22.48 -5.23
N MET A 648 20.35 21.14 -5.05
CA MET A 648 21.40 20.19 -5.49
C MET A 648 21.60 20.30 -7.00
N PHE A 649 20.51 20.39 -7.77
CA PHE A 649 20.53 20.45 -9.26
C PHE A 649 21.11 21.79 -9.73
N LYS A 650 20.67 22.89 -9.10
CA LYS A 650 21.14 24.26 -9.40
C LYS A 650 22.67 24.35 -9.28
N LYS A 651 23.24 23.73 -8.24
CA LYS A 651 24.71 23.68 -8.00
C LYS A 651 25.38 22.85 -9.09
N VAL A 652 24.73 21.78 -9.56
CA VAL A 652 25.23 20.93 -10.69
C VAL A 652 25.22 21.78 -11.96
N ARG A 653 24.10 22.46 -12.23
CA ARG A 653 23.90 23.37 -13.40
C ARG A 653 24.99 24.46 -13.39
N GLU A 654 25.27 25.02 -12.21
CA GLU A 654 26.29 26.10 -11.99
C GLU A 654 27.67 25.61 -12.44
N LEU A 655 28.08 24.41 -12.01
CA LEU A 655 29.40 23.81 -12.33
C LEU A 655 29.54 23.63 -13.84
N TYR A 656 28.51 23.12 -14.53
CA TYR A 656 28.51 22.89 -15.99
C TYR A 656 28.58 24.24 -16.72
N ALA A 657 27.96 25.28 -16.16
CA ALA A 657 27.92 26.65 -16.75
C ALA A 657 29.31 27.28 -16.73
N LYS A 658 30.15 26.94 -15.74
CA LYS A 658 31.49 27.56 -15.49
C LYS A 658 32.60 26.66 -16.05
N GLU A 659 32.52 25.34 -15.84
CA GLU A 659 33.56 24.35 -16.24
C GLU A 659 33.26 23.78 -17.65
N GLY A 660 31.99 23.67 -18.03
CA GLY A 660 31.54 22.83 -19.15
C GLY A 660 31.43 21.38 -18.71
N GLY A 661 31.66 20.43 -19.62
CA GLY A 661 31.63 18.98 -19.34
C GLY A 661 30.81 18.22 -20.37
N ALA A 662 30.55 16.94 -20.11
CA ALA A 662 29.82 16.01 -21.01
C ALA A 662 28.42 16.56 -21.29
N TYR A 663 28.08 16.73 -22.57
CA TYR A 663 26.73 17.08 -23.11
C TYR A 663 25.92 17.88 -22.09
N PRO A 664 26.23 19.17 -21.90
CA PRO A 664 25.54 20.01 -20.91
C PRO A 664 24.07 20.37 -21.24
N ALA A 665 23.66 20.26 -22.50
CA ALA A 665 22.36 20.75 -23.03
C ALA A 665 21.18 20.36 -22.13
N PRO A 666 20.93 19.06 -21.86
CA PRO A 666 19.74 18.66 -21.10
C PRO A 666 19.67 19.34 -19.72
N ILE A 667 20.80 19.41 -19.02
CA ILE A 667 20.96 20.06 -17.69
C ILE A 667 20.69 21.57 -17.82
N ALA A 668 21.27 22.21 -18.84
CA ALA A 668 21.26 23.69 -19.04
C ALA A 668 19.84 24.19 -19.29
N LYS A 669 19.08 23.50 -20.15
CA LYS A 669 17.83 24.03 -20.76
C LYS A 669 16.58 23.57 -19.99
N LEU A 670 16.72 22.64 -19.04
CA LEU A 670 15.59 22.16 -18.20
C LEU A 670 14.95 23.35 -17.47
N ASN A 671 13.62 23.52 -17.60
CA ASN A 671 12.87 24.69 -17.08
C ASN A 671 12.51 24.48 -15.60
N ILE A 672 13.44 24.84 -14.70
CA ILE A 672 13.27 24.74 -13.22
C ILE A 672 12.73 26.06 -12.65
N ALA A 673 12.56 27.09 -13.49
CA ALA A 673 12.04 28.42 -13.10
C ALA A 673 10.53 28.31 -12.82
N ASP A 674 9.86 27.33 -13.43
CA ASP A 674 8.40 27.05 -13.23
C ASP A 674 8.18 26.31 -11.91
N TRP A 675 9.24 25.70 -11.34
CA TRP A 675 9.17 24.89 -10.10
C TRP A 675 9.32 25.80 -8.86
N GLU A 676 9.75 27.05 -9.06
CA GLU A 676 10.27 27.92 -7.98
C GLU A 676 9.34 29.12 -7.76
N GLU A 677 9.13 29.47 -6.48
CA GLU A 677 8.49 30.73 -6.03
C GLU A 677 9.22 31.22 -4.78
N HIS A 678 9.37 32.54 -4.61
CA HIS A 678 10.04 33.19 -3.45
C HIS A 678 11.32 32.43 -3.08
N ASN A 679 12.16 32.10 -4.08
CA ASN A 679 13.51 31.50 -3.90
C ASN A 679 13.42 30.08 -3.32
N GLU A 680 12.24 29.44 -3.40
CA GLU A 680 11.96 28.11 -2.77
C GLU A 680 11.19 27.22 -3.75
N PHE A 681 11.31 25.89 -3.59
CA PHE A 681 10.50 24.88 -4.31
C PHE A 681 9.02 25.18 -4.05
N SER A 682 8.21 25.29 -5.12
CA SER A 682 6.76 25.61 -5.04
C SER A 682 5.92 24.40 -5.42
N PRO A 683 5.43 23.60 -4.44
CA PRO A 683 4.43 22.57 -4.70
C PRO A 683 3.30 23.03 -5.62
N THR A 684 2.80 24.25 -5.41
CA THR A 684 1.66 24.85 -6.17
C THR A 684 2.04 25.00 -7.65
N LYS A 685 3.21 25.53 -7.94
CA LYS A 685 3.64 25.86 -9.33
C LYS A 685 3.96 24.57 -10.09
N VAL A 686 4.61 23.60 -9.45
CA VAL A 686 4.96 22.28 -10.05
C VAL A 686 3.65 21.54 -10.39
N ALA A 687 2.65 21.60 -9.49
CA ALA A 687 1.32 20.97 -9.67
C ALA A 687 0.60 21.59 -10.88
N LYS A 688 0.76 22.91 -11.09
CA LYS A 688 0.11 23.62 -12.21
C LYS A 688 0.79 23.22 -13.53
N LEU A 689 2.11 23.05 -13.51
CA LEU A 689 2.93 22.60 -14.68
C LEU A 689 2.60 21.14 -14.97
N MET A 690 2.33 20.34 -13.94
CA MET A 690 1.96 18.91 -14.08
C MET A 690 0.56 18.82 -14.71
N ASN A 691 -0.39 19.60 -14.22
CA ASN A 691 -1.71 19.74 -14.89
C ASN A 691 -1.47 20.24 -16.32
N GLY A 692 -0.69 21.31 -16.46
CA GLY A 692 -0.24 21.88 -17.74
C GLY A 692 -1.05 23.09 -18.14
N TYR A 693 -0.52 23.89 -19.07
CA TYR A 693 -1.16 25.14 -19.60
C TYR A 693 -0.81 25.32 -21.07
N PHE A 694 -1.67 26.01 -21.80
CA PHE A 694 -1.50 26.39 -23.24
C PHE A 694 -0.34 27.39 -23.36
N LEU A 695 0.62 27.09 -24.24
CA LEU A 695 1.82 27.94 -24.50
C LEU A 695 1.50 29.00 -25.55
N LYS A 696 0.30 28.98 -26.13
CA LYS A 696 -0.19 30.00 -27.10
C LYS A 696 -1.71 29.92 -27.21
N ASP A 697 -2.32 30.85 -27.94
CA ASP A 697 -3.77 30.81 -28.28
C ASP A 697 -4.00 29.58 -29.14
N THR A 698 -4.91 28.69 -28.72
CA THR A 698 -5.13 27.35 -29.35
C THR A 698 -6.63 27.06 -29.44
N GLU A 699 -7.07 26.48 -30.57
CA GLU A 699 -8.42 25.91 -30.75
C GLU A 699 -8.31 24.38 -30.67
N VAL A 700 -9.01 23.76 -29.72
CA VAL A 700 -8.94 22.30 -29.43
C VAL A 700 -10.35 21.79 -29.12
N GLY A 701 -10.71 20.64 -29.69
CA GLY A 701 -12.06 20.05 -29.57
C GLY A 701 -13.16 21.05 -29.91
N GLY A 702 -12.89 21.95 -30.87
CA GLY A 702 -13.80 23.03 -31.29
C GLY A 702 -14.17 23.95 -30.13
N LYS A 703 -13.17 24.40 -29.35
CA LYS A 703 -13.32 25.34 -28.23
C LYS A 703 -12.06 26.21 -28.13
N GLN A 704 -12.21 27.53 -28.12
CA GLN A 704 -11.09 28.51 -28.10
C GLN A 704 -10.48 28.55 -26.70
N PHE A 705 -9.15 28.51 -26.61
CA PHE A 705 -8.37 28.58 -25.35
C PHE A 705 -7.32 29.70 -25.47
N LYS A 706 -7.30 30.60 -24.49
CA LYS A 706 -6.32 31.72 -24.39
C LYS A 706 -4.98 31.18 -23.90
N LYS A 707 -3.89 31.86 -24.26
CA LYS A 707 -2.50 31.56 -23.82
C LYS A 707 -2.41 31.71 -22.30
N GLY A 708 -1.61 30.85 -21.64
CA GLY A 708 -1.35 30.91 -20.19
C GLY A 708 -2.43 30.19 -19.36
N GLN A 709 -3.64 30.00 -19.92
CA GLN A 709 -4.75 29.23 -19.31
C GLN A 709 -4.28 27.82 -18.95
N GLN A 710 -4.75 27.28 -17.82
CA GLN A 710 -4.55 25.87 -17.40
C GLN A 710 -5.36 24.96 -18.33
N VAL A 711 -4.77 23.83 -18.75
CA VAL A 711 -5.45 22.78 -19.56
C VAL A 711 -6.49 22.11 -18.68
N PRO A 712 -7.80 22.13 -19.08
CA PRO A 712 -8.87 21.66 -18.21
C PRO A 712 -9.11 20.14 -18.22
N SER A 713 -8.40 19.42 -19.10
CA SER A 713 -8.49 17.95 -19.30
C SER A 713 -7.44 17.51 -20.32
N PHE A 714 -6.95 16.27 -20.21
CA PHE A 714 -5.94 15.69 -21.14
C PHE A 714 -6.52 15.55 -22.55
N ALA A 715 -7.86 15.61 -22.68
CA ALA A 715 -8.58 15.62 -23.97
C ALA A 715 -8.16 16.83 -24.82
N PHE A 716 -7.75 17.93 -24.18
CA PHE A 716 -7.43 19.23 -24.85
C PHE A 716 -5.92 19.45 -24.95
N LEU A 717 -5.10 18.41 -24.74
CA LEU A 717 -3.64 18.45 -25.01
C LEU A 717 -3.41 18.28 -26.52
N THR A 718 -2.27 18.76 -27.02
CA THR A 718 -1.90 18.75 -28.46
C THR A 718 -0.48 18.20 -28.62
N ALA A 719 -0.15 17.74 -29.83
CA ALA A 719 1.17 17.22 -30.22
C ALA A 719 2.00 18.31 -30.92
N ASP A 720 1.38 19.43 -31.30
CA ASP A 720 1.99 20.46 -32.19
C ASP A 720 2.79 21.47 -31.38
N GLY A 721 2.86 21.33 -30.05
CA GLY A 721 3.64 22.19 -29.14
C GLY A 721 2.81 23.30 -28.51
N SER A 722 1.53 23.42 -28.88
CA SER A 722 0.59 24.43 -28.34
C SER A 722 0.44 24.30 -26.82
N THR A 723 0.40 23.07 -26.29
CA THR A 723 0.23 22.78 -24.85
C THR A 723 1.51 22.22 -24.22
N CYS A 724 1.63 22.38 -22.91
CA CYS A 724 2.58 21.63 -22.04
C CYS A 724 1.79 20.91 -20.95
N SER A 725 2.40 19.90 -20.33
CA SER A 725 1.84 19.11 -19.20
C SER A 725 2.91 18.12 -18.73
N GLY A 726 3.29 18.19 -17.46
CA GLY A 726 4.29 17.29 -16.85
C GLY A 726 3.78 15.86 -16.82
N ASN A 727 2.46 15.69 -16.66
CA ASN A 727 1.81 14.36 -16.58
C ASN A 727 0.36 14.50 -17.05
N TRP A 728 0.04 13.93 -18.22
CA TRP A 728 -1.31 14.03 -18.85
C TRP A 728 -2.39 13.55 -17.88
N LEU A 729 -2.08 12.60 -17.00
CA LEU A 729 -3.04 12.06 -15.98
C LEU A 729 -3.45 13.17 -15.01
N HIS A 730 -2.58 14.18 -14.80
CA HIS A 730 -2.81 15.33 -13.88
C HIS A 730 -3.62 16.43 -14.58
N ALA A 731 -3.71 16.40 -15.92
CA ALA A 731 -4.50 17.36 -16.72
C ALA A 731 -5.97 17.23 -16.31
N GLY A 732 -6.47 18.19 -15.53
CA GLY A 732 -7.81 18.18 -14.91
C GLY A 732 -7.74 18.37 -13.40
N SER A 733 -6.55 18.27 -12.81
CA SER A 733 -6.28 18.31 -11.34
C SER A 733 -6.14 19.75 -10.84
N PHE A 734 -5.55 20.63 -11.66
CA PHE A 734 -5.30 22.06 -11.33
C PHE A 734 -5.65 22.93 -12.55
N THR A 735 -6.93 23.30 -12.67
CA THR A 735 -7.51 24.07 -13.79
C THR A 735 -7.60 25.56 -13.43
N ASP A 736 -8.24 26.36 -14.28
CA ASP A 736 -8.49 27.81 -14.06
C ASP A 736 -9.48 27.98 -12.90
N ALA A 737 -10.28 26.94 -12.60
CA ALA A 737 -11.22 26.89 -11.46
C ALA A 737 -10.43 26.72 -10.14
N GLY A 738 -9.19 26.24 -10.22
CA GLY A 738 -8.24 26.19 -9.09
C GLY A 738 -7.70 24.79 -8.83
N ASN A 739 -7.22 24.55 -7.61
CA ASN A 739 -6.59 23.29 -7.17
C ASN A 739 -7.69 22.33 -6.69
N LEU A 740 -8.14 21.43 -7.56
CA LEU A 740 -9.26 20.49 -7.29
C LEU A 740 -8.81 19.41 -6.30
N MET A 741 -7.50 19.18 -6.18
CA MET A 741 -6.89 18.23 -5.22
C MET A 741 -7.08 18.75 -3.77
N ALA A 742 -7.34 20.05 -3.61
CA ALA A 742 -7.52 20.74 -2.30
C ALA A 742 -9.00 20.91 -1.96
N ARG A 743 -9.92 20.43 -2.81
CA ARG A 743 -11.38 20.40 -2.53
C ARG A 743 -11.64 19.53 -1.31
N ARG A 744 -12.43 20.03 -0.35
CA ARG A 744 -12.88 19.29 0.86
C ARG A 744 -14.40 19.41 0.96
N ASP A 745 -15.07 19.13 -0.17
CA ASP A 745 -16.53 19.30 -0.37
C ASP A 745 -17.19 17.91 -0.40
N LYS A 746 -18.05 17.64 0.58
CA LYS A 746 -18.74 16.33 0.77
C LYS A 746 -20.09 16.34 0.06
N THR A 747 -20.35 17.35 -0.79
CA THR A 747 -21.58 17.45 -1.62
C THR A 747 -21.67 16.23 -2.53
N GLN A 748 -22.81 15.54 -2.48
CA GLN A 748 -23.11 14.31 -3.27
C GLN A 748 -24.59 14.30 -3.67
N THR A 749 -24.89 13.89 -4.90
CA THR A 749 -26.25 13.55 -5.37
C THR A 749 -26.69 12.29 -4.62
N PRO A 750 -28.00 11.95 -4.58
CA PRO A 750 -28.44 10.70 -3.95
C PRO A 750 -27.71 9.47 -4.50
N GLU A 751 -27.53 9.38 -5.82
CA GLU A 751 -26.95 8.20 -6.51
C GLU A 751 -25.43 8.16 -6.27
N GLN A 752 -24.79 9.31 -6.12
CA GLN A 752 -23.36 9.43 -5.72
C GLN A 752 -23.21 9.00 -4.26
N ALA A 753 -24.07 9.50 -3.38
CA ALA A 753 -24.00 9.27 -1.91
C ALA A 753 -24.31 7.80 -1.58
N ARG A 754 -25.10 7.12 -2.42
CA ARG A 754 -25.52 5.71 -2.18
C ARG A 754 -24.30 4.78 -2.25
N ILE A 755 -23.29 5.13 -3.06
CA ILE A 755 -22.07 4.29 -3.28
C ILE A 755 -20.80 5.01 -2.82
N GLY A 756 -20.91 6.23 -2.29
CA GLY A 756 -19.79 6.98 -1.67
C GLY A 756 -18.72 7.38 -2.67
N LEU A 757 -19.10 7.95 -3.82
CA LEU A 757 -18.15 8.45 -4.85
C LEU A 757 -17.37 9.66 -4.31
N PHE A 758 -18.03 10.53 -3.54
CA PHE A 758 -17.50 11.83 -3.02
C PHE A 758 -16.72 12.55 -4.11
N PRO A 759 -17.33 12.83 -5.29
CA PRO A 759 -16.59 13.37 -6.44
C PRO A 759 -16.08 14.80 -6.25
N ASN A 760 -16.54 15.51 -5.21
CA ASN A 760 -16.12 16.89 -4.89
C ASN A 760 -15.13 16.89 -3.73
N TRP A 761 -14.73 15.72 -3.22
CA TRP A 761 -13.60 15.59 -2.26
C TRP A 761 -12.32 15.27 -3.04
N SER A 762 -11.38 16.21 -3.04
CA SER A 762 -10.10 16.13 -3.78
C SER A 762 -10.39 15.84 -5.26
N PHE A 763 -9.47 15.15 -5.94
CA PHE A 763 -9.53 14.81 -7.38
C PHE A 763 -8.79 13.48 -7.58
N CYS A 764 -9.37 12.57 -8.36
CA CYS A 764 -8.71 11.33 -8.81
C CYS A 764 -8.53 11.38 -10.32
N TRP A 765 -7.39 10.89 -10.82
CA TRP A 765 -7.18 10.60 -12.26
C TRP A 765 -7.86 9.27 -12.60
N PRO A 766 -8.33 9.05 -13.84
CA PRO A 766 -8.36 10.09 -14.87
C PRO A 766 -9.66 10.91 -14.78
N VAL A 767 -9.52 12.24 -14.90
CA VAL A 767 -10.62 13.26 -14.93
C VAL A 767 -11.74 12.91 -13.94
N ASN A 768 -11.36 12.53 -12.70
CA ASN A 768 -12.30 12.35 -11.56
C ASN A 768 -13.21 11.12 -11.77
N ARG A 769 -12.81 10.18 -12.63
CA ARG A 769 -13.48 8.86 -12.80
C ARG A 769 -13.12 7.98 -11.59
N ARG A 770 -13.99 7.96 -10.57
CA ARG A 770 -13.73 7.30 -9.25
C ARG A 770 -13.71 5.78 -9.41
N ILE A 771 -14.62 5.23 -10.22
CA ILE A 771 -14.65 3.77 -10.56
C ILE A 771 -14.29 3.62 -12.05
N LEU A 772 -13.15 2.99 -12.33
CA LEU A 772 -12.66 2.78 -13.72
C LEU A 772 -13.55 1.75 -14.41
N TYR A 773 -13.71 1.89 -15.74
CA TYR A 773 -14.41 0.91 -16.62
C TYR A 773 -15.92 0.92 -16.32
N ASN A 774 -16.46 2.06 -15.87
CA ASN A 774 -17.83 2.18 -15.32
C ASN A 774 -18.87 2.07 -16.44
N ARG A 775 -18.46 2.14 -17.71
CA ARG A 775 -19.35 1.89 -18.89
C ARG A 775 -19.84 0.44 -18.86
N ALA A 776 -19.07 -0.46 -18.25
CA ALA A 776 -19.38 -1.91 -18.11
C ALA A 776 -20.49 -2.11 -17.06
N SER A 777 -20.82 -1.07 -16.29
CA SER A 777 -21.81 -1.13 -15.19
C SER A 777 -23.24 -0.91 -15.72
N VAL A 778 -23.39 -0.66 -17.03
CA VAL A 778 -24.71 -0.36 -17.68
C VAL A 778 -24.84 -1.19 -18.96
N ASP A 779 -26.06 -1.49 -19.37
CA ASP A 779 -26.38 -2.22 -20.64
C ASP A 779 -26.18 -1.25 -21.82
N LYS A 780 -26.55 -1.66 -23.04
CA LYS A 780 -26.35 -0.87 -24.28
C LYS A 780 -27.39 0.26 -24.36
N THR A 781 -28.41 0.25 -23.49
CA THR A 781 -29.39 1.36 -23.27
C THR A 781 -28.75 2.46 -22.42
N GLY A 782 -27.91 2.07 -21.45
CA GLY A 782 -27.34 2.98 -20.44
C GLY A 782 -28.01 2.81 -19.09
N LYS A 783 -28.81 1.75 -18.92
CA LYS A 783 -29.44 1.37 -17.63
C LYS A 783 -28.46 0.55 -16.81
N PRO A 784 -28.22 0.91 -15.53
CA PRO A 784 -27.40 0.08 -14.64
C PRO A 784 -27.86 -1.39 -14.61
N TRP A 785 -26.92 -2.32 -14.49
CA TRP A 785 -27.19 -3.74 -14.15
C TRP A 785 -27.78 -3.79 -12.73
N ASN A 786 -27.30 -2.94 -11.82
CA ASN A 786 -27.75 -2.84 -10.41
C ASN A 786 -28.23 -1.41 -10.14
N PRO A 787 -29.52 -1.09 -10.39
CA PRO A 787 -30.04 0.25 -10.16
C PRO A 787 -29.89 0.79 -8.73
N ALA A 788 -29.85 -0.09 -7.72
CA ALA A 788 -29.75 0.27 -6.29
C ALA A 788 -28.33 0.72 -5.92
N LYS A 789 -27.35 0.47 -6.79
CA LYS A 789 -25.93 0.85 -6.58
C LYS A 789 -25.34 1.36 -7.90
N ALA A 790 -26.12 2.12 -8.67
CA ALA A 790 -25.70 2.70 -9.96
C ALA A 790 -24.37 3.45 -9.78
N VAL A 791 -23.47 3.34 -10.75
CA VAL A 791 -22.20 4.12 -10.83
C VAL A 791 -22.46 5.28 -11.78
N ILE A 792 -22.85 4.97 -13.02
CA ILE A 792 -23.35 5.93 -14.04
C ILE A 792 -24.75 5.48 -14.46
N GLU A 793 -25.52 6.39 -15.05
CA GLU A 793 -26.83 6.10 -15.70
C GLU A 793 -27.07 7.15 -16.80
N TRP A 794 -27.58 6.70 -17.96
CA TRP A 794 -27.98 7.58 -19.08
C TRP A 794 -29.34 8.18 -18.78
N LYS A 795 -29.38 9.48 -18.44
CA LYS A 795 -30.62 10.25 -18.15
C LYS A 795 -30.57 11.56 -18.93
N ASP A 796 -31.50 11.74 -19.88
CA ASP A 796 -31.77 13.02 -20.60
C ASP A 796 -30.49 13.47 -21.34
N GLY A 797 -29.86 12.55 -22.08
CA GLY A 797 -28.77 12.84 -23.03
C GLY A 797 -27.39 12.91 -22.38
N LYS A 798 -27.29 12.59 -21.08
CA LYS A 798 -26.05 12.73 -20.27
C LYS A 798 -25.83 11.49 -19.40
N TRP A 799 -24.57 11.20 -19.07
CA TRP A 799 -24.18 10.21 -18.02
C TRP A 799 -24.30 10.90 -16.65
N VAL A 800 -25.04 10.27 -15.72
CA VAL A 800 -25.31 10.82 -14.36
C VAL A 800 -24.72 9.88 -13.31
N GLY A 801 -23.92 10.43 -12.40
CA GLY A 801 -23.34 9.74 -11.23
C GLY A 801 -21.85 10.01 -11.15
N ASP A 802 -21.05 8.96 -11.37
CA ASP A 802 -19.58 9.07 -11.55
C ASP A 802 -19.33 9.76 -12.90
N VAL A 803 -18.13 10.29 -13.13
CA VAL A 803 -17.68 10.71 -14.48
C VAL A 803 -17.56 9.44 -15.34
N VAL A 804 -18.19 9.41 -16.51
CA VAL A 804 -18.14 8.26 -17.46
C VAL A 804 -16.68 7.99 -17.84
N ASP A 805 -16.25 6.73 -17.77
CA ASP A 805 -14.90 6.30 -18.25
C ASP A 805 -15.01 6.05 -19.75
N GLY A 806 -14.88 7.12 -20.54
CA GLY A 806 -14.99 7.11 -22.01
C GLY A 806 -16.26 7.78 -22.48
N GLY A 807 -16.16 8.91 -23.18
CA GLY A 807 -17.31 9.63 -23.78
C GLY A 807 -17.98 8.78 -24.83
N GLY A 808 -19.24 9.08 -25.14
CA GLY A 808 -20.03 8.40 -26.20
C GLY A 808 -21.37 7.91 -25.66
N ASP A 809 -22.39 7.87 -26.53
CA ASP A 809 -23.78 7.44 -26.18
C ASP A 809 -23.75 5.98 -25.78
N PRO A 810 -24.77 5.50 -25.02
CA PRO A 810 -24.87 4.09 -24.66
C PRO A 810 -24.80 3.17 -25.89
N GLY A 811 -24.01 2.09 -25.79
CA GLY A 811 -23.91 1.00 -26.77
C GLY A 811 -23.21 1.42 -28.06
N THR A 812 -22.48 2.54 -28.07
CA THR A 812 -21.75 3.07 -29.26
C THR A 812 -20.24 2.83 -29.12
N LYS A 813 -19.75 2.45 -27.94
CA LYS A 813 -18.31 2.24 -27.66
C LYS A 813 -18.13 1.00 -26.79
N HIS A 814 -17.01 0.29 -26.94
CA HIS A 814 -16.57 -0.82 -26.06
C HIS A 814 -16.04 -0.21 -24.76
N PRO A 815 -16.36 -0.81 -23.58
CA PRO A 815 -16.14 -0.13 -22.30
C PRO A 815 -14.69 0.06 -21.82
N PHE A 816 -13.74 -0.74 -22.34
CA PHE A 816 -12.31 -0.72 -21.91
C PHE A 816 -11.52 0.13 -22.92
N ILE A 817 -11.54 1.45 -22.73
CA ILE A 817 -11.13 2.48 -23.73
C ILE A 817 -9.61 2.52 -23.85
N MET A 818 -8.88 2.01 -22.85
CA MET A 818 -7.39 1.98 -22.85
C MET A 818 -6.88 0.69 -23.51
N GLN A 819 -7.76 -0.31 -23.68
CA GLN A 819 -7.47 -1.54 -24.46
C GLN A 819 -7.52 -1.22 -25.96
N THR A 820 -6.63 -1.82 -26.75
CA THR A 820 -6.57 -1.68 -28.23
C THR A 820 -7.92 -2.10 -28.82
N HIS A 821 -8.41 -3.30 -28.48
CA HIS A 821 -9.62 -3.92 -29.08
C HIS A 821 -10.88 -3.47 -28.35
N GLY A 822 -10.74 -2.98 -27.11
CA GLY A 822 -11.82 -2.31 -26.34
C GLY A 822 -12.53 -3.25 -25.38
N PHE A 823 -12.00 -4.46 -25.13
CA PHE A 823 -12.66 -5.55 -24.36
C PHE A 823 -11.86 -5.90 -23.11
N GLY A 824 -12.56 -6.30 -22.04
CA GLY A 824 -11.95 -7.01 -20.89
C GLY A 824 -11.36 -8.33 -21.35
N ALA A 825 -10.06 -8.55 -21.11
CA ALA A 825 -9.29 -9.69 -21.67
C ALA A 825 -9.36 -10.90 -20.73
N LEU A 826 -10.15 -11.90 -21.11
CA LEU A 826 -10.10 -13.26 -20.49
C LEU A 826 -8.86 -13.97 -21.05
N TYR A 827 -8.60 -13.76 -22.35
CA TYR A 827 -7.42 -14.24 -23.11
C TYR A 827 -6.43 -13.08 -23.25
N GLY A 828 -5.21 -13.23 -22.72
CA GLY A 828 -4.18 -12.18 -22.62
C GLY A 828 -2.91 -12.56 -23.37
N PRO A 829 -2.87 -12.45 -24.72
CA PRO A 829 -1.76 -12.96 -25.51
C PRO A 829 -0.48 -12.11 -25.44
N GLY A 830 -0.41 -11.16 -24.50
CA GLY A 830 0.77 -10.29 -24.26
C GLY A 830 1.58 -10.72 -23.04
N ARG A 831 1.14 -11.75 -22.31
CA ARG A 831 1.84 -12.24 -21.08
C ARG A 831 2.88 -13.30 -21.47
N GLU A 832 4.06 -13.24 -20.84
CA GLU A 832 5.23 -14.09 -21.16
C GLU A 832 4.90 -15.58 -20.90
N GLU A 833 4.05 -15.86 -19.91
CA GLU A 833 3.77 -17.23 -19.41
C GLU A 833 2.58 -17.86 -20.17
N GLY A 834 1.94 -17.10 -21.07
CA GLY A 834 0.80 -17.59 -21.87
C GLY A 834 -0.47 -16.74 -21.68
N PRO A 835 -1.46 -16.85 -22.59
CA PRO A 835 -2.67 -16.04 -22.53
C PRO A 835 -3.70 -16.45 -21.46
N PHE A 836 -3.52 -17.60 -20.83
CA PHE A 836 -4.32 -18.08 -19.67
C PHE A 836 -3.40 -18.43 -18.52
N PRO A 837 -3.67 -17.93 -17.29
CA PRO A 837 -2.98 -18.42 -16.10
C PRO A 837 -3.03 -19.95 -16.03
N GLU A 838 -1.88 -20.55 -15.75
CA GLU A 838 -1.69 -22.01 -15.58
C GLU A 838 -0.82 -22.22 -14.34
N HIS A 839 -1.16 -23.19 -13.50
CA HIS A 839 -0.35 -23.51 -12.30
C HIS A 839 1.02 -24.02 -12.73
N TYR A 840 2.07 -23.27 -12.40
CA TYR A 840 3.48 -23.74 -12.31
C TYR A 840 3.95 -23.48 -10.88
N GLU A 841 4.64 -24.45 -10.29
CA GLU A 841 4.96 -24.49 -8.83
C GLU A 841 5.95 -23.38 -8.50
N PRO A 842 5.55 -22.38 -7.68
CA PRO A 842 6.48 -21.35 -7.21
C PRO A 842 7.29 -21.79 -5.98
N LEU A 843 6.80 -22.79 -5.24
CA LEU A 843 7.42 -23.31 -3.99
C LEU A 843 8.26 -24.53 -4.36
N GLU A 844 9.52 -24.29 -4.75
CA GLU A 844 10.43 -25.27 -5.41
C GLU A 844 10.72 -26.47 -4.49
N CYS A 845 11.24 -26.21 -3.29
CA CYS A 845 11.99 -27.19 -2.46
C CYS A 845 11.11 -28.36 -2.03
N PRO A 846 9.95 -28.15 -1.35
CA PRO A 846 9.17 -29.28 -0.83
C PRO A 846 8.17 -29.93 -1.82
N VAL A 847 8.11 -29.48 -3.07
CA VAL A 847 7.12 -29.94 -4.09
C VAL A 847 7.86 -30.58 -5.27
N SER A 848 7.44 -31.78 -5.67
CA SER A 848 7.99 -32.56 -6.81
C SER A 848 6.89 -32.86 -7.84
N LYS A 849 5.61 -32.73 -7.48
CA LYS A 849 4.45 -33.16 -8.31
C LYS A 849 3.57 -31.95 -8.63
N ASN A 850 3.24 -31.78 -9.92
CA ASN A 850 2.18 -30.87 -10.42
C ASN A 850 1.04 -31.72 -10.98
N PRO A 851 -0.13 -31.75 -10.32
CA PRO A 851 -1.25 -32.59 -10.77
C PRO A 851 -2.03 -32.07 -11.99
N PHE A 852 -1.62 -30.95 -12.59
CA PHE A 852 -2.32 -30.28 -13.71
C PHE A 852 -1.60 -30.49 -15.05
N SER A 853 -0.28 -30.77 -15.04
CA SER A 853 0.50 -31.05 -16.27
C SER A 853 1.84 -31.75 -15.96
N LYS A 854 2.57 -32.12 -17.02
CA LYS A 854 3.97 -32.62 -16.99
C LYS A 854 4.90 -31.52 -16.48
N GLN A 855 4.58 -30.26 -16.76
CA GLN A 855 5.44 -29.08 -16.52
C GLN A 855 5.33 -28.66 -15.04
N LEU A 856 6.33 -29.01 -14.23
CA LEU A 856 6.38 -28.71 -12.78
C LEU A 856 6.53 -27.19 -12.56
N HIS A 857 7.66 -26.62 -12.99
CA HIS A 857 8.05 -25.20 -12.79
C HIS A 857 7.73 -24.38 -14.06
N ASN A 858 7.73 -23.06 -13.93
CA ASN A 858 7.44 -22.09 -15.01
C ASN A 858 8.37 -22.38 -16.20
N PRO A 859 7.83 -22.68 -17.41
CA PRO A 859 8.69 -23.00 -18.55
C PRO A 859 9.46 -21.81 -19.16
N VAL A 860 9.23 -20.58 -18.71
CA VAL A 860 9.96 -19.36 -19.19
C VAL A 860 10.83 -18.78 -18.06
N ALA A 861 10.95 -19.47 -16.92
CA ALA A 861 11.76 -19.04 -15.75
C ALA A 861 13.24 -19.10 -16.11
N ALA A 870 17.08 -22.15 -6.91
CA ALA A 870 17.04 -22.45 -5.46
C ALA A 870 17.86 -23.72 -5.18
N VAL A 871 18.66 -23.71 -4.11
CA VAL A 871 19.60 -24.82 -3.76
C VAL A 871 18.83 -25.92 -3.02
N CYS A 872 17.96 -25.54 -2.08
CA CYS A 872 17.14 -26.46 -1.24
C CYS A 872 18.04 -27.34 -0.37
N ASP A 873 19.01 -26.71 0.31
CA ASP A 873 19.98 -27.38 1.22
C ASP A 873 19.23 -28.00 2.39
N PRO A 874 19.27 -29.34 2.57
CA PRO A 874 18.51 -30.02 3.62
C PRO A 874 18.71 -29.52 5.06
N ARG A 875 19.79 -28.77 5.33
CA ARG A 875 20.09 -28.18 6.66
C ARG A 875 19.02 -27.12 7.01
N TYR A 876 18.32 -26.59 6.01
CA TYR A 876 17.27 -25.54 6.14
C TYR A 876 15.96 -26.09 5.60
N PRO A 877 15.23 -26.91 6.41
CA PRO A 877 14.08 -27.65 5.92
C PRO A 877 12.74 -26.89 5.98
N PHE A 878 12.70 -25.72 6.64
CA PHE A 878 11.45 -24.96 6.91
C PHE A 878 11.29 -23.84 5.87
N ILE A 879 10.05 -23.48 5.57
CA ILE A 879 9.71 -22.33 4.69
C ILE A 879 9.65 -21.07 5.57
N GLY A 880 10.69 -20.24 5.48
CA GLY A 880 10.68 -18.87 6.03
C GLY A 880 9.77 -17.98 5.20
N THR A 881 8.94 -17.17 5.88
CA THR A 881 8.07 -16.13 5.26
C THR A 881 8.28 -14.83 6.05
N THR A 882 8.19 -13.68 5.38
CA THR A 882 8.22 -12.35 6.03
C THR A 882 6.90 -11.62 5.70
N TYR A 883 6.40 -10.85 6.66
CA TYR A 883 5.11 -10.11 6.57
C TYR A 883 5.14 -8.98 7.60
N ARG A 884 4.06 -8.20 7.65
CA ARG A 884 3.96 -6.98 8.49
C ARG A 884 3.05 -7.24 9.69
N VAL A 885 3.18 -6.36 10.69
CA VAL A 885 2.19 -6.15 11.78
C VAL A 885 1.69 -4.71 11.67
N THR A 886 0.53 -4.42 12.25
CA THR A 886 -0.17 -3.11 12.16
C THR A 886 0.77 -1.98 12.59
N GLU A 887 1.52 -2.19 13.68
CA GLU A 887 2.15 -1.12 14.51
C GLU A 887 3.47 -0.62 13.91
N HIS A 888 4.05 -1.33 12.94
CA HIS A 888 5.37 -0.96 12.33
C HIS A 888 5.22 -0.74 10.82
N TRP A 889 6.13 0.06 10.26
CA TRP A 889 6.10 0.54 8.86
C TRP A 889 7.39 0.15 8.12
N GLN A 890 7.26 -0.66 7.07
CA GLN A 890 8.35 -1.00 6.12
C GLN A 890 9.53 -1.61 6.91
N THR A 891 10.72 -1.04 6.80
CA THR A 891 11.96 -1.52 7.48
C THR A 891 11.93 -1.10 8.96
N GLY A 892 10.95 -0.29 9.35
CA GLY A 892 10.78 0.21 10.74
C GLY A 892 11.63 1.44 11.02
N LEU A 893 12.41 1.90 10.03
CA LEU A 893 13.25 3.12 10.13
C LEU A 893 12.45 4.23 10.84
N MET A 894 11.18 4.41 10.47
CA MET A 894 10.28 5.46 11.01
C MET A 894 9.70 5.01 12.36
N THR A 895 9.09 3.82 12.41
CA THR A 895 8.26 3.36 13.56
C THR A 895 9.16 2.87 14.72
N ARG A 896 10.39 2.45 14.45
CA ARG A 896 11.36 2.02 15.50
C ARG A 896 11.83 3.26 16.29
N ARG A 897 11.60 4.46 15.78
CA ARG A 897 11.93 5.76 16.42
C ARG A 897 10.72 6.33 17.17
N CYS A 898 9.56 5.67 17.09
CA CYS A 898 8.29 6.09 17.76
C CYS A 898 8.01 5.16 18.94
N ALA A 899 8.22 5.67 20.16
CA ALA A 899 8.29 4.90 21.42
C ALA A 899 6.98 4.13 21.67
N TRP A 900 5.84 4.69 21.27
CA TRP A 900 4.50 4.08 21.48
C TRP A 900 4.35 2.83 20.61
N LEU A 901 4.99 2.78 19.45
CA LEU A 901 4.91 1.66 18.49
C LEU A 901 5.89 0.56 18.91
N VAL A 902 7.11 0.95 19.32
CA VAL A 902 8.11 0.05 19.99
C VAL A 902 7.49 -0.56 21.25
N GLU A 903 6.77 0.25 22.03
CA GLU A 903 6.03 -0.22 23.25
C GLU A 903 5.20 -1.45 22.88
N ALA A 904 4.39 -1.37 21.81
CA ALA A 904 3.44 -2.40 21.35
C ALA A 904 4.17 -3.61 20.74
N GLU A 905 5.25 -3.37 19.99
CA GLU A 905 6.01 -4.39 19.23
C GLU A 905 7.51 -4.08 19.35
N PRO A 906 8.12 -4.32 20.54
CA PRO A 906 9.51 -3.91 20.79
C PRO A 906 10.61 -4.71 20.08
N GLN A 907 10.34 -5.96 19.69
CA GLN A 907 11.40 -6.92 19.25
C GLN A 907 10.93 -7.76 18.05
N ILE A 908 11.87 -8.09 17.15
CA ILE A 908 11.67 -9.11 16.10
C ILE A 908 11.26 -10.42 16.77
N PHE A 909 10.28 -11.11 16.18
CA PHE A 909 9.73 -12.39 16.69
C PHE A 909 9.77 -13.43 15.56
N CYS A 910 9.56 -14.69 15.92
CA CYS A 910 9.45 -15.82 14.97
C CYS A 910 8.19 -16.63 15.34
N GLU A 911 7.12 -16.48 14.56
CA GLU A 911 5.83 -17.19 14.78
C GLU A 911 5.98 -18.60 14.20
N ILE A 912 5.63 -19.63 15.01
CA ILE A 912 5.73 -21.07 14.64
C ILE A 912 4.51 -21.80 15.19
N SER A 913 4.09 -22.87 14.53
CA SER A 913 3.00 -23.78 14.95
C SER A 913 3.38 -24.48 16.26
N LYS A 914 2.39 -25.02 16.98
CA LYS A 914 2.61 -25.90 18.16
C LYS A 914 3.39 -27.15 17.71
N GLU A 915 3.14 -27.62 16.48
CA GLU A 915 3.75 -28.85 15.91
C GLU A 915 5.26 -28.66 15.75
N LEU A 916 5.70 -27.54 15.15
CA LEU A 916 7.15 -27.23 14.97
C LEU A 916 7.80 -26.96 16.33
N ALA A 917 7.08 -26.29 17.23
CA ALA A 917 7.52 -26.00 18.62
C ALA A 917 7.84 -27.32 19.34
N LYS A 918 6.94 -28.31 19.24
CA LYS A 918 7.08 -29.67 19.82
C LYS A 918 8.30 -30.39 19.20
N LEU A 919 8.42 -30.36 17.87
CA LEU A 919 9.51 -31.02 17.08
C LEU A 919 10.87 -30.50 17.55
N ARG A 920 11.01 -29.18 17.68
CA ARG A 920 12.31 -28.48 17.91
C ARG A 920 12.47 -28.12 19.38
N GLY A 921 11.54 -28.56 20.25
CA GLY A 921 11.59 -28.30 21.70
C GLY A 921 11.68 -26.82 22.03
N ILE A 922 10.76 -26.02 21.46
CA ILE A 922 10.68 -24.55 21.67
C ILE A 922 9.42 -24.23 22.49
N GLY A 923 9.57 -23.39 23.51
CA GLY A 923 8.47 -22.88 24.35
C GLY A 923 8.10 -21.46 23.96
N ASN A 924 6.83 -21.09 24.11
CA ASN A 924 6.31 -19.72 23.87
C ASN A 924 7.20 -18.71 24.60
N GLY A 925 7.85 -17.81 23.87
CA GLY A 925 8.65 -16.69 24.42
C GLY A 925 10.14 -16.98 24.42
N ASP A 926 10.55 -18.22 24.10
CA ASP A 926 11.99 -18.63 24.07
C ASP A 926 12.71 -17.86 22.96
N THR A 927 13.99 -17.54 23.17
CA THR A 927 14.90 -17.00 22.11
C THR A 927 15.26 -18.16 21.18
N VAL A 928 15.18 -17.92 19.86
CA VAL A 928 15.53 -18.90 18.79
C VAL A 928 16.53 -18.24 17.83
N LYS A 929 17.36 -19.06 17.18
CA LYS A 929 18.20 -18.65 16.03
C LYS A 929 17.54 -19.15 14.74
N VAL A 930 17.10 -18.23 13.89
CA VAL A 930 16.63 -18.53 12.50
C VAL A 930 17.83 -18.33 11.57
N SER A 931 18.10 -19.32 10.72
CA SER A 931 19.30 -19.36 9.84
C SER A 931 18.89 -19.75 8.42
N SER A 932 19.71 -19.33 7.45
CA SER A 932 19.60 -19.71 6.01
C SER A 932 21.01 -19.72 5.40
N LEU A 933 21.11 -20.00 4.10
CA LEU A 933 22.40 -19.96 3.37
C LEU A 933 22.97 -18.53 3.38
N ARG A 934 22.12 -17.52 3.55
CA ARG A 934 22.47 -16.09 3.36
C ARG A 934 22.88 -15.44 4.69
N GLY A 935 22.48 -16.02 5.83
CA GLY A 935 22.77 -15.46 7.17
C GLY A 935 21.94 -16.11 8.25
N ALA A 936 21.92 -15.49 9.44
CA ALA A 936 21.20 -15.98 10.64
C ALA A 936 20.96 -14.82 11.61
N LEU A 937 19.94 -14.93 12.45
CA LEU A 937 19.57 -13.90 13.45
C LEU A 937 18.84 -14.57 14.62
N GLU A 938 18.71 -13.84 15.74
CA GLU A 938 17.96 -14.27 16.94
C GLU A 938 16.64 -13.48 16.98
N ALA A 939 15.58 -14.12 17.48
CA ALA A 939 14.23 -13.54 17.63
C ALA A 939 13.50 -14.26 18.78
N VAL A 940 12.40 -13.68 19.27
CA VAL A 940 11.54 -14.31 20.30
C VAL A 940 10.58 -15.26 19.59
N ALA A 941 10.40 -16.46 20.13
CA ALA A 941 9.43 -17.46 19.63
C ALA A 941 8.03 -17.07 20.10
N ILE A 942 7.09 -16.94 19.16
CA ILE A 942 5.62 -16.90 19.43
C ILE A 942 5.02 -18.21 18.90
N VAL A 943 4.68 -19.13 19.79
CA VAL A 943 4.03 -20.42 19.46
C VAL A 943 2.52 -20.18 19.38
N THR A 944 1.90 -20.47 18.24
CA THR A 944 0.49 -20.10 17.96
C THR A 944 -0.17 -21.11 17.01
N GLU A 945 -1.45 -21.42 17.29
CA GLU A 945 -2.34 -22.20 16.41
C GLU A 945 -2.73 -21.38 15.17
N ARG A 946 -2.34 -20.10 15.11
CA ARG A 946 -2.56 -19.23 13.92
C ARG A 946 -1.70 -19.72 12.75
N ILE A 947 -0.61 -20.44 13.05
CA ILE A 947 0.26 -21.13 12.05
C ILE A 947 -0.01 -22.64 12.13
N ARG A 948 -0.19 -23.29 10.98
CA ARG A 948 -0.44 -24.75 10.86
C ARG A 948 0.53 -25.34 9.83
N PRO A 949 1.01 -26.59 10.03
CA PRO A 949 1.86 -27.25 9.05
C PRO A 949 1.12 -27.43 7.70
N PHE A 950 1.79 -27.14 6.59
CA PHE A 950 1.34 -27.50 5.22
C PHE A 950 1.48 -29.02 5.06
N LYS A 951 0.48 -29.64 4.43
CA LYS A 951 0.50 -31.08 4.03
C LYS A 951 0.82 -31.13 2.54
N ILE A 952 2.06 -31.47 2.17
CA ILE A 952 2.57 -31.46 0.77
C ILE A 952 3.13 -32.85 0.43
N GLU A 953 2.43 -33.58 -0.44
CA GLU A 953 2.82 -34.92 -0.96
C GLU A 953 3.06 -35.87 0.23
N GLY A 954 2.09 -35.94 1.15
CA GLY A 954 2.07 -36.88 2.28
C GLY A 954 3.10 -36.56 3.35
N VAL A 955 3.58 -35.31 3.41
CA VAL A 955 4.61 -34.86 4.39
C VAL A 955 4.12 -33.56 5.06
N ASP A 956 4.37 -33.41 6.37
CA ASP A 956 4.18 -32.15 7.13
C ASP A 956 5.36 -31.22 6.83
N VAL A 957 5.07 -30.07 6.21
CA VAL A 957 6.05 -28.98 5.89
C VAL A 957 5.70 -27.78 6.78
N HIS A 958 6.63 -27.33 7.60
CA HIS A 958 6.43 -26.30 8.65
C HIS A 958 6.86 -24.93 8.10
N MET A 959 6.00 -23.92 8.31
CA MET A 959 6.20 -22.53 7.83
C MET A 959 6.59 -21.64 9.02
N VAL A 960 7.60 -20.80 8.83
CA VAL A 960 8.24 -19.96 9.89
C VAL A 960 8.01 -18.50 9.54
N GLY A 961 7.38 -17.72 10.44
CA GLY A 961 6.93 -16.34 10.17
C GLY A 961 7.77 -15.30 10.89
N LEU A 962 8.30 -14.31 10.15
CA LEU A 962 9.18 -13.23 10.68
C LEU A 962 8.69 -11.87 10.22
N PRO A 963 8.71 -10.83 11.08
CA PRO A 963 8.52 -9.45 10.65
C PRO A 963 9.85 -8.83 10.18
N TRP A 964 9.78 -8.04 9.11
CA TRP A 964 10.96 -7.42 8.45
C TRP A 964 11.05 -5.94 8.86
N HIS A 965 10.58 -5.60 10.05
CA HIS A 965 10.42 -4.21 10.57
C HIS A 965 11.63 -3.78 11.41
N TYR A 966 12.63 -4.65 11.56
CA TYR A 966 13.72 -4.47 12.56
C TYR A 966 15.06 -4.26 11.85
N GLY A 967 15.96 -3.56 12.54
CA GLY A 967 17.32 -3.20 12.06
C GLY A 967 18.22 -2.89 13.24
N TRP A 968 19.54 -3.09 13.06
CA TRP A 968 20.58 -2.99 14.11
C TRP A 968 20.61 -1.58 14.73
N MET A 969 20.31 -0.55 13.94
CA MET A 969 20.39 0.88 14.33
C MET A 969 19.66 1.13 15.65
N VAL A 970 18.41 0.67 15.77
CA VAL A 970 17.44 1.09 16.82
C VAL A 970 16.23 0.15 16.79
N PRO A 971 15.53 -0.14 17.91
CA PRO A 971 16.01 0.18 19.26
C PRO A 971 16.90 -0.91 19.82
N LYS A 972 17.42 -0.70 21.03
CA LYS A 972 18.18 -1.70 21.83
C LYS A 972 17.35 -2.98 21.96
N ASN A 973 17.92 -4.13 21.58
CA ASN A 973 17.30 -5.47 21.67
C ASN A 973 16.09 -5.58 20.71
N GLY A 974 15.96 -4.67 19.75
CA GLY A 974 14.90 -4.72 18.72
C GLY A 974 15.15 -5.86 17.75
N GLY A 975 16.42 -6.11 17.45
CA GLY A 975 16.87 -7.13 16.48
C GLY A 975 17.20 -6.51 15.15
N ASP A 976 17.66 -7.32 14.20
CA ASP A 976 18.09 -6.86 12.85
C ASP A 976 17.08 -7.36 11.82
N THR A 977 17.22 -6.88 10.57
CA THR A 977 16.34 -7.18 9.42
C THR A 977 16.29 -8.69 9.18
N ALA A 978 15.09 -9.20 8.89
CA ALA A 978 14.81 -10.59 8.47
C ALA A 978 15.42 -10.85 7.08
N ASN A 979 15.80 -9.79 6.34
CA ASN A 979 16.45 -9.89 5.00
C ASN A 979 17.91 -10.33 5.12
N LEU A 980 18.46 -10.47 6.33
CA LEU A 980 19.72 -11.21 6.55
C LEU A 980 19.55 -12.63 6.02
N LEU A 981 18.33 -13.18 6.11
CA LEU A 981 17.98 -14.58 5.77
C LEU A 981 17.57 -14.74 4.30
N THR A 982 17.07 -13.68 3.64
CA THR A 982 16.40 -13.80 2.31
C THR A 982 17.45 -13.90 1.19
N PRO A 983 17.16 -14.67 0.11
CA PRO A 983 18.07 -14.78 -1.03
C PRO A 983 17.91 -13.64 -2.05
N SER A 984 18.95 -13.37 -2.83
CA SER A 984 18.97 -12.37 -3.95
C SER A 984 18.13 -12.90 -5.12
N ALA A 985 18.47 -14.09 -5.64
CA ALA A 985 17.81 -14.77 -6.78
C ALA A 985 16.28 -14.69 -6.65
N GLY A 991 12.49 -8.73 -12.23
CA GLY A 991 13.67 -8.47 -11.37
C GLY A 991 13.27 -8.11 -9.95
N ILE A 992 12.60 -9.05 -9.25
CA ILE A 992 11.98 -8.85 -7.91
C ILE A 992 12.60 -9.83 -6.92
N PRO A 993 12.86 -9.42 -5.66
CA PRO A 993 13.36 -10.32 -4.62
C PRO A 993 12.30 -11.29 -4.10
N GLU A 994 12.74 -12.41 -3.51
CA GLU A 994 11.87 -13.48 -2.94
C GLU A 994 11.83 -13.36 -1.41
N THR A 995 10.71 -12.91 -0.85
CA THR A 995 10.57 -12.57 0.60
C THR A 995 9.46 -13.37 1.30
N LYS A 996 8.65 -14.14 0.55
CA LYS A 996 7.45 -14.83 1.10
C LYS A 996 7.69 -16.34 1.26
N ALA A 997 8.66 -16.91 0.53
CA ALA A 997 9.03 -18.36 0.60
C ALA A 997 10.52 -18.54 0.32
N PHE A 998 11.32 -18.60 1.39
CA PHE A 998 12.79 -18.87 1.40
C PHE A 998 13.08 -19.87 2.51
N MET A 999 14.08 -20.73 2.33
CA MET A 999 14.31 -21.89 3.23
C MET A 999 15.14 -21.48 4.45
N VAL A 1000 14.72 -21.93 5.64
CA VAL A 1000 15.34 -21.55 6.94
C VAL A 1000 15.41 -22.79 7.84
N ASP A 1001 16.28 -22.72 8.85
CA ASP A 1001 16.25 -23.61 10.05
C ASP A 1001 15.94 -22.71 11.26
N VAL A 1002 15.26 -23.28 12.26
CA VAL A 1002 14.91 -22.60 13.54
C VAL A 1002 15.36 -23.50 14.70
N ARG A 1003 16.35 -23.04 15.47
CA ARG A 1003 16.91 -23.76 16.64
C ARG A 1003 16.62 -22.95 17.91
N LYS A 1004 16.31 -23.63 19.02
CA LYS A 1004 16.24 -22.99 20.36
C LYS A 1004 17.66 -22.60 20.79
N VAL A 1005 17.83 -21.37 21.29
CA VAL A 1005 19.08 -20.88 21.94
C VAL A 1005 18.90 -21.01 23.45
N TRP A 1006 19.89 -21.60 24.14
CA TRP A 1006 19.88 -21.85 25.61
C TRP A 1006 20.62 -20.71 26.32
N GLY B 1 -26.13 11.54 31.70
CA GLY B 1 -24.75 10.95 31.70
C GLY B 1 -24.34 10.44 30.33
N LYS B 2 -23.09 10.02 30.19
CA LYS B 2 -22.49 9.50 28.94
C LYS B 2 -22.12 8.02 29.13
N MET B 3 -21.96 7.28 28.03
CA MET B 3 -21.67 5.82 28.04
C MET B 3 -20.83 5.43 26.80
N PHE B 4 -19.83 4.56 26.99
CA PHE B 4 -19.10 3.86 25.91
C PHE B 4 -19.81 2.54 25.59
N PHE B 5 -20.16 2.31 24.33
CA PHE B 5 -20.57 0.98 23.80
C PHE B 5 -19.41 0.41 22.97
N VAL B 6 -18.79 -0.66 23.46
CA VAL B 6 -17.59 -1.30 22.84
C VAL B 6 -17.99 -2.64 22.20
N ASP B 7 -18.18 -2.66 20.88
CA ASP B 7 -18.59 -3.84 20.09
C ASP B 7 -17.35 -4.62 19.64
N LEU B 8 -16.94 -5.62 20.44
CA LEU B 8 -15.66 -6.38 20.25
C LEU B 8 -15.75 -7.31 19.05
N SER B 9 -16.95 -7.55 18.51
CA SER B 9 -17.20 -8.36 17.28
C SER B 9 -16.69 -7.62 16.03
N ARG B 10 -16.27 -6.37 16.18
CA ARG B 10 -15.78 -5.49 15.07
C ARG B 10 -14.29 -5.15 15.25
N CYS B 11 -13.68 -5.50 16.40
CA CYS B 11 -12.30 -5.11 16.77
C CYS B 11 -11.29 -5.89 15.91
N THR B 12 -10.32 -5.19 15.32
CA THR B 12 -9.21 -5.75 14.49
C THR B 12 -7.89 -5.70 15.27
N ALA B 13 -7.94 -5.33 16.55
CA ALA B 13 -6.76 -5.20 17.43
C ALA B 13 -5.70 -4.31 16.77
N CYS B 14 -6.13 -3.27 16.06
CA CYS B 14 -5.24 -2.30 15.36
C CYS B 14 -4.44 -1.52 16.41
N ARG B 15 -4.98 -1.41 17.63
CA ARG B 15 -4.36 -0.73 18.80
C ARG B 15 -4.22 0.78 18.52
N GLY B 16 -5.03 1.31 17.60
CA GLY B 16 -5.17 2.77 17.39
C GLY B 16 -5.57 3.45 18.68
N CYS B 17 -6.51 2.84 19.43
CA CYS B 17 -7.04 3.33 20.73
C CYS B 17 -5.89 3.46 21.74
N GLN B 18 -5.09 2.40 21.89
CA GLN B 18 -3.94 2.34 22.83
C GLN B 18 -2.99 3.52 22.58
N ILE B 19 -2.63 3.76 21.32
CA ILE B 19 -1.65 4.82 20.90
C ILE B 19 -2.31 6.20 21.08
N ALA B 20 -3.56 6.34 20.64
CA ALA B 20 -4.34 7.60 20.62
C ALA B 20 -4.51 8.14 22.05
N CYS B 21 -4.71 7.25 23.03
CA CYS B 21 -4.81 7.61 24.47
C CYS B 21 -3.52 8.31 24.90
N LYS B 22 -2.36 7.72 24.58
CA LYS B 22 -1.02 8.23 24.96
C LYS B 22 -0.70 9.51 24.18
N GLN B 23 -1.22 9.68 22.96
CA GLN B 23 -1.00 10.89 22.13
C GLN B 23 -1.72 12.07 22.77
N TRP B 24 -3.00 11.90 23.10
CA TRP B 24 -3.88 12.99 23.61
C TRP B 24 -3.34 13.52 24.95
N LYS B 25 -2.88 12.61 25.83
CA LYS B 25 -2.41 12.94 27.19
C LYS B 25 -0.88 13.08 27.21
N ASN B 26 -0.20 12.79 26.10
CA ASN B 26 1.27 12.87 25.97
C ASN B 26 1.95 12.01 27.04
N LEU B 27 1.40 10.82 27.31
CA LEU B 27 1.94 9.83 28.28
C LEU B 27 3.24 9.25 27.73
N PRO B 28 4.15 8.77 28.59
CA PRO B 28 5.36 8.10 28.14
C PRO B 28 5.10 6.63 27.74
N ALA B 29 6.06 6.04 27.02
CA ALA B 29 6.08 4.60 26.64
C ALA B 29 6.84 3.81 27.71
N GLU B 30 6.26 2.70 28.16
CA GLU B 30 6.92 1.74 29.11
C GLU B 30 8.08 1.06 28.40
N GLU B 31 9.07 0.58 29.17
CA GLU B 31 10.08 -0.40 28.70
C GLU B 31 9.38 -1.76 28.57
N THR B 32 9.18 -2.24 27.35
CA THR B 32 8.53 -3.55 27.04
C THR B 32 9.52 -4.47 26.35
N ARG B 33 9.26 -5.77 26.39
CA ARG B 33 9.95 -6.81 25.58
C ARG B 33 8.90 -7.86 25.17
N ASN B 34 9.15 -8.58 24.09
CA ASN B 34 8.25 -9.65 23.59
C ASN B 34 8.54 -10.93 24.37
N THR B 35 7.53 -11.48 25.04
CA THR B 35 7.60 -12.70 25.88
C THR B 35 6.72 -13.80 25.26
N GLY B 36 6.54 -13.74 23.94
CA GLY B 36 5.75 -14.73 23.16
C GLY B 36 4.33 -14.24 22.88
N SER B 37 4.13 -12.93 22.73
CA SER B 37 2.79 -12.33 22.44
C SER B 37 2.94 -10.95 21.78
N HIS B 38 1.97 -10.62 20.92
CA HIS B 38 1.79 -9.26 20.33
C HIS B 38 1.36 -8.28 21.43
N GLN B 39 0.63 -8.77 22.43
CA GLN B 39 0.17 -7.99 23.61
C GLN B 39 1.34 -7.25 24.24
N ASN B 40 1.24 -5.93 24.30
CA ASN B 40 2.23 -5.01 24.94
C ASN B 40 1.63 -3.61 24.95
N PRO B 41 1.67 -2.86 26.08
CA PRO B 41 2.18 -3.38 27.36
C PRO B 41 1.37 -4.56 27.88
N PRO B 42 1.99 -5.47 28.68
CA PRO B 42 1.33 -6.70 29.11
C PRO B 42 0.17 -6.45 30.10
N ASP B 43 0.17 -5.28 30.74
CA ASP B 43 -0.84 -4.88 31.76
C ASP B 43 -0.97 -3.36 31.74
N LEU B 44 -2.10 -2.85 32.26
CA LEU B 44 -2.26 -1.43 32.66
C LEU B 44 -1.21 -1.09 33.71
N SER B 45 -0.82 0.18 33.80
CA SER B 45 0.10 0.73 34.83
C SER B 45 -0.15 2.24 34.95
N TYR B 46 0.67 2.95 35.75
CA TYR B 46 0.51 4.40 36.01
C TYR B 46 0.53 5.19 34.70
N VAL B 47 1.30 4.73 33.70
CA VAL B 47 1.57 5.47 32.43
C VAL B 47 0.77 4.86 31.27
N THR B 48 0.15 3.69 31.46
CA THR B 48 -0.73 3.01 30.47
C THR B 48 -2.15 2.88 31.03
N LEU B 49 -3.08 3.69 30.51
CA LEU B 49 -4.49 3.78 30.97
C LEU B 49 -5.36 2.80 30.16
N LYS B 50 -4.91 2.44 28.95
CA LYS B 50 -5.58 1.44 28.08
C LYS B 50 -4.50 0.57 27.42
N THR B 51 -4.73 -0.75 27.40
CA THR B 51 -3.94 -1.75 26.65
C THR B 51 -4.93 -2.71 25.99
N VAL B 52 -4.60 -3.21 24.79
CA VAL B 52 -5.40 -4.26 24.10
C VAL B 52 -4.83 -5.62 24.51
N ARG B 53 -5.66 -6.43 25.16
CA ARG B 53 -5.33 -7.82 25.57
C ARG B 53 -5.67 -8.75 24.42
N PHE B 54 -4.75 -9.67 24.10
CA PHE B 54 -4.89 -10.72 23.05
C PHE B 54 -5.09 -12.07 23.76
N THR B 55 -6.08 -12.86 23.33
CA THR B 55 -6.31 -14.24 23.83
C THR B 55 -6.70 -15.14 22.66
N GLU B 56 -5.99 -16.27 22.51
CA GLU B 56 -6.21 -17.28 21.45
C GLU B 56 -6.92 -18.49 22.08
N LYS B 57 -8.10 -18.83 21.58
CA LYS B 57 -8.89 -20.04 21.97
C LYS B 57 -9.01 -20.96 20.75
N SER B 58 -8.65 -22.24 20.92
CA SER B 58 -8.80 -23.31 19.90
C SER B 58 -10.27 -23.42 19.51
N ARG B 59 -10.55 -23.59 18.22
CA ARG B 59 -11.91 -23.89 17.70
C ARG B 59 -11.79 -25.09 16.75
N LYS B 60 -12.91 -25.73 16.43
CA LYS B 60 -12.98 -26.89 15.50
C LYS B 60 -12.65 -26.40 14.09
N GLY B 61 -11.80 -27.14 13.37
CA GLY B 61 -11.41 -26.82 11.98
C GLY B 61 -10.33 -25.74 11.92
N PRO B 62 -10.13 -25.09 10.76
CA PRO B 62 -9.02 -24.14 10.60
C PRO B 62 -9.20 -22.83 11.40
N GLY B 63 -8.07 -22.25 11.82
CA GLY B 63 -8.02 -20.95 12.51
C GLY B 63 -8.33 -21.07 13.99
N ILE B 64 -8.61 -19.93 14.63
CA ILE B 64 -8.88 -19.80 16.09
C ILE B 64 -9.97 -18.74 16.30
N ASP B 65 -10.52 -18.70 17.51
CA ASP B 65 -11.23 -17.51 18.04
C ASP B 65 -10.19 -16.63 18.71
N TRP B 66 -9.74 -15.56 18.02
CA TRP B 66 -8.75 -14.59 18.55
C TRP B 66 -9.50 -13.46 19.25
N LEU B 67 -9.45 -13.43 20.58
CA LEU B 67 -10.28 -12.54 21.45
C LEU B 67 -9.45 -11.31 21.82
N PHE B 68 -9.96 -10.12 21.46
CA PHE B 68 -9.30 -8.81 21.66
C PHE B 68 -10.10 -8.01 22.69
N PHE B 69 -9.41 -7.45 23.69
CA PHE B 69 -10.04 -6.69 24.79
C PHE B 69 -9.24 -5.41 25.06
N PRO B 70 -9.63 -4.26 24.47
CA PRO B 70 -9.08 -2.96 24.88
C PRO B 70 -9.64 -2.60 26.26
N GLU B 71 -8.81 -2.77 27.30
CA GLU B 71 -9.20 -2.61 28.72
C GLU B 71 -9.12 -1.13 29.11
N GLN B 72 -10.18 -0.61 29.76
CA GLN B 72 -10.23 0.74 30.36
C GLN B 72 -11.15 0.70 31.59
N CYS B 73 -11.05 1.71 32.47
CA CYS B 73 -12.01 1.95 33.59
C CYS B 73 -13.44 1.90 33.05
N ARG B 74 -14.35 1.24 33.77
CA ARG B 74 -15.76 1.04 33.36
C ARG B 74 -16.60 2.26 33.73
N HIS B 75 -16.03 3.18 34.52
CA HIS B 75 -16.73 4.40 35.04
C HIS B 75 -18.08 3.97 35.62
N CYS B 76 -18.03 3.21 36.72
CA CYS B 76 -19.21 2.54 37.35
C CYS B 76 -20.23 3.59 37.82
N VAL B 77 -21.52 3.29 37.70
CA VAL B 77 -22.66 4.15 38.11
C VAL B 77 -22.59 4.36 39.63
N GLU B 78 -22.24 3.31 40.38
CA GLU B 78 -22.03 3.32 41.86
C GLU B 78 -20.59 2.92 42.16
N PRO B 79 -19.61 3.84 42.00
CA PRO B 79 -18.19 3.47 42.07
C PRO B 79 -17.76 2.87 43.41
N PRO B 80 -17.40 1.57 43.45
CA PRO B 80 -16.79 0.97 44.65
C PRO B 80 -15.43 1.57 45.05
N CYS B 81 -14.66 2.08 44.09
CA CYS B 81 -13.33 2.71 44.30
C CYS B 81 -13.52 4.04 45.06
N LYS B 82 -14.59 4.78 44.76
CA LYS B 82 -14.99 6.03 45.47
C LYS B 82 -15.34 5.67 46.92
N GLY B 83 -16.28 4.74 47.11
CA GLY B 83 -16.75 4.25 48.42
C GLY B 83 -15.61 3.87 49.35
N GLN B 84 -14.61 3.16 48.82
CA GLN B 84 -13.41 2.70 49.58
C GLN B 84 -12.47 3.89 49.84
N ALA B 85 -12.25 4.73 48.83
CA ALA B 85 -11.35 5.91 48.88
C ALA B 85 -11.88 6.92 49.90
N ASP B 86 -13.21 7.07 49.98
CA ASP B 86 -13.92 8.05 50.85
C ASP B 86 -13.83 7.64 52.34
N VAL B 87 -13.27 6.45 52.63
CA VAL B 87 -13.02 5.97 54.02
C VAL B 87 -11.73 6.60 54.55
N ASP B 88 -10.83 7.03 53.66
CA ASP B 88 -9.52 7.66 53.99
C ASP B 88 -9.62 9.18 53.88
N LEU B 89 -10.11 9.69 52.74
CA LEU B 89 -10.20 11.14 52.42
C LEU B 89 -11.25 11.34 51.31
N GLU B 90 -12.31 12.11 51.58
CA GLU B 90 -13.36 12.47 50.59
C GLU B 90 -12.85 13.60 49.69
N GLY B 91 -12.76 13.35 48.38
CA GLY B 91 -12.22 14.29 47.38
C GLY B 91 -11.30 13.59 46.41
N ALA B 92 -10.46 12.68 46.91
CA ALA B 92 -9.46 11.86 46.16
C ALA B 92 -10.12 11.25 44.91
N VAL B 93 -11.33 10.71 45.06
CA VAL B 93 -12.15 10.14 43.94
C VAL B 93 -13.49 10.85 43.93
N VAL B 94 -13.80 11.56 42.83
CA VAL B 94 -15.05 12.37 42.65
C VAL B 94 -15.79 11.84 41.42
N LYS B 95 -17.11 12.08 41.35
CA LYS B 95 -17.98 11.72 40.19
C LYS B 95 -18.49 13.00 39.54
N ASP B 96 -18.07 13.26 38.29
CA ASP B 96 -18.64 14.31 37.41
C ASP B 96 -20.11 13.97 37.16
N GLU B 97 -21.00 14.94 37.37
CA GLU B 97 -22.48 14.76 37.30
C GLU B 97 -22.97 15.00 35.86
N THR B 98 -22.23 15.78 35.07
CA THR B 98 -22.52 16.03 33.63
C THR B 98 -22.35 14.71 32.85
N THR B 99 -21.13 14.17 32.85
CA THR B 99 -20.66 13.08 31.96
C THR B 99 -20.88 11.71 32.61
N GLY B 100 -20.71 11.62 33.93
CA GLY B 100 -20.77 10.36 34.70
C GLY B 100 -19.38 9.77 34.88
N ALA B 101 -18.34 10.54 34.58
CA ALA B 101 -16.92 10.13 34.67
C ALA B 101 -16.53 9.96 36.15
N VAL B 102 -15.92 8.82 36.48
CA VAL B 102 -15.23 8.59 37.78
C VAL B 102 -13.78 9.07 37.62
N LEU B 103 -13.40 10.09 38.38
CA LEU B 103 -12.12 10.83 38.22
C LEU B 103 -11.29 10.73 39.50
N PHE B 104 -10.05 10.22 39.39
CA PHE B 104 -9.02 10.25 40.45
C PHE B 104 -8.33 11.62 40.43
N THR B 105 -8.47 12.40 41.50
CA THR B 105 -7.82 13.73 41.70
C THR B 105 -6.41 13.50 42.28
N GLU B 106 -5.69 14.58 42.58
CA GLU B 106 -4.28 14.55 43.05
C GLU B 106 -4.23 14.13 44.53
N LEU B 107 -5.39 14.08 45.20
CA LEU B 107 -5.52 13.71 46.63
C LEU B 107 -5.46 12.18 46.82
N THR B 108 -5.27 11.41 45.74
CA THR B 108 -5.16 9.93 45.76
C THR B 108 -3.79 9.50 46.30
N ALA B 109 -2.86 10.45 46.49
CA ALA B 109 -1.57 10.24 47.21
C ALA B 109 -1.84 9.96 48.70
N LYS B 110 -2.88 10.61 49.25
CA LYS B 110 -3.20 10.60 50.70
C LYS B 110 -3.84 9.25 51.09
N VAL B 111 -4.72 8.71 50.23
CA VAL B 111 -5.53 7.49 50.52
C VAL B 111 -4.65 6.24 50.39
N ASP B 112 -5.19 5.09 50.80
CA ASP B 112 -4.54 3.76 50.69
C ASP B 112 -4.73 3.24 49.25
N GLY B 113 -3.68 3.36 48.41
CA GLY B 113 -3.70 3.01 46.98
C GLY B 113 -3.94 1.52 46.76
N GLU B 114 -3.46 0.67 47.68
CA GLU B 114 -3.57 -0.81 47.60
C GLU B 114 -5.04 -1.24 47.64
N SER B 115 -5.75 -0.87 48.72
CA SER B 115 -7.10 -1.37 49.05
C SER B 115 -8.16 -0.79 48.10
N VAL B 116 -7.92 0.40 47.55
CA VAL B 116 -8.85 1.07 46.59
C VAL B 116 -8.78 0.36 45.22
N ARG B 117 -7.68 -0.33 44.93
CA ARG B 117 -7.54 -1.21 43.73
C ARG B 117 -8.29 -2.52 43.99
N SER B 118 -8.21 -3.06 45.21
CA SER B 118 -8.87 -4.32 45.64
C SER B 118 -10.39 -4.16 45.56
N ALA B 119 -10.91 -2.99 45.98
CA ALA B 119 -12.36 -2.65 46.01
C ALA B 119 -12.93 -2.69 44.59
N CYS B 120 -12.13 -2.32 43.59
CA CYS B 120 -12.50 -2.31 42.14
C CYS B 120 -12.73 -3.74 41.66
N PRO B 121 -13.98 -4.13 41.29
CA PRO B 121 -14.26 -5.50 40.86
C PRO B 121 -13.70 -5.81 39.46
N TYR B 122 -13.11 -4.81 38.79
CA TYR B 122 -12.51 -4.90 37.43
C TYR B 122 -10.99 -4.75 37.49
N ASP B 123 -10.43 -4.50 38.69
CA ASP B 123 -8.96 -4.43 38.96
C ASP B 123 -8.31 -3.38 38.04
N ILE B 124 -8.90 -2.18 37.96
CA ILE B 124 -8.48 -1.10 37.03
C ILE B 124 -7.38 -0.23 37.64
N PRO B 125 -7.57 0.38 38.84
CA PRO B 125 -6.63 1.36 39.36
C PRO B 125 -5.17 0.87 39.40
N ARG B 126 -4.22 1.77 39.13
CA ARG B 126 -2.75 1.50 39.17
C ARG B 126 -2.07 2.61 39.95
N ILE B 127 -1.06 2.24 40.78
CA ILE B 127 -0.36 3.14 41.74
C ILE B 127 1.00 3.52 41.17
N ASP B 128 1.40 4.79 41.33
CA ASP B 128 2.77 5.28 41.02
C ASP B 128 3.68 4.88 42.19
N PRO B 129 4.74 4.07 41.95
CA PRO B 129 5.70 3.74 43.01
C PRO B 129 6.40 4.96 43.65
N VAL B 130 6.32 6.12 42.99
CA VAL B 130 6.88 7.42 43.48
C VAL B 130 5.78 8.19 44.22
N THR B 131 4.99 9.00 43.49
CA THR B 131 4.01 9.98 44.06
C THR B 131 2.87 9.25 44.79
N LYS B 132 2.72 7.94 44.60
CA LYS B 132 1.70 7.08 45.26
C LYS B 132 0.29 7.51 44.84
N ARG B 133 0.17 8.22 43.70
CA ARG B 133 -1.13 8.67 43.13
C ARG B 133 -1.70 7.52 42.29
N LEU B 134 -3.04 7.45 42.22
CA LEU B 134 -3.76 6.48 41.36
C LEU B 134 -4.03 7.12 40.00
N SER B 135 -3.84 6.36 38.92
CA SER B 135 -4.19 6.78 37.53
C SER B 135 -5.02 5.68 36.86
N LYS B 136 -5.79 6.07 35.85
CA LYS B 136 -6.64 5.19 35.01
C LYS B 136 -7.26 6.05 33.91
N CYS B 137 -8.08 5.44 33.05
CA CYS B 137 -8.94 6.13 32.06
C CYS B 137 -9.81 7.17 32.80
N ASP B 138 -9.76 8.44 32.37
CA ASP B 138 -10.57 9.55 32.91
C ASP B 138 -11.70 9.90 31.94
N MET B 139 -12.07 8.96 31.05
CA MET B 139 -13.17 9.11 30.05
C MET B 139 -12.86 10.28 29.09
N CYS B 140 -11.60 10.73 29.01
CA CYS B 140 -11.22 11.98 28.30
C CYS B 140 -12.27 13.06 28.64
N ASN B 141 -12.53 13.28 29.94
CA ASN B 141 -13.63 14.15 30.42
C ASN B 141 -13.38 15.57 29.88
N ASP B 142 -12.11 16.01 29.91
CA ASP B 142 -11.59 17.18 29.16
C ASP B 142 -12.38 17.35 27.84
N ARG B 143 -12.29 16.35 26.94
CA ARG B 143 -12.84 16.41 25.56
C ARG B 143 -14.36 16.29 25.56
N VAL B 144 -14.92 15.41 26.39
CA VAL B 144 -16.39 15.11 26.43
C VAL B 144 -17.14 16.39 26.82
N GLN B 145 -16.64 17.11 27.83
CA GLN B 145 -17.19 18.42 28.31
C GLN B 145 -17.27 19.40 27.14
N ASN B 146 -16.30 19.36 26.22
CA ASN B 146 -16.17 20.27 25.05
C ASN B 146 -16.90 19.71 23.83
N GLY B 147 -17.79 18.72 24.01
CA GLY B 147 -18.61 18.12 22.94
C GLY B 147 -17.76 17.44 21.87
N LEU B 148 -16.61 16.89 22.27
CA LEU B 148 -15.74 16.02 21.42
C LEU B 148 -15.84 14.58 21.92
N LEU B 149 -15.55 13.62 21.05
CA LEU B 149 -15.43 12.18 21.40
C LEU B 149 -14.12 11.98 22.17
N PRO B 150 -14.03 11.01 23.10
CA PRO B 150 -12.75 10.57 23.65
C PRO B 150 -11.80 10.11 22.54
N ALA B 151 -10.48 10.29 22.71
CA ALA B 151 -9.43 9.98 21.72
C ALA B 151 -9.61 8.53 21.21
N CYS B 152 -9.69 7.55 22.12
CA CYS B 152 -9.83 6.11 21.79
C CYS B 152 -11.08 5.88 20.94
N VAL B 153 -12.17 6.62 21.19
CA VAL B 153 -13.45 6.47 20.44
C VAL B 153 -13.30 7.05 19.04
N LYS B 154 -12.71 8.24 18.92
CA LYS B 154 -12.56 8.97 17.63
C LYS B 154 -11.61 8.19 16.71
N THR B 155 -10.52 7.62 17.25
CA THR B 155 -9.44 6.98 16.46
C THR B 155 -9.89 5.63 15.91
N CYS B 156 -10.83 4.94 16.58
CA CYS B 156 -11.28 3.57 16.23
C CYS B 156 -11.92 3.55 14.85
N PRO B 157 -11.35 2.79 13.88
CA PRO B 157 -11.91 2.73 12.52
C PRO B 157 -13.05 1.72 12.27
N THR B 158 -13.21 0.72 13.14
CA THR B 158 -14.06 -0.48 12.87
C THR B 158 -15.52 -0.19 13.28
N GLY B 159 -15.74 0.77 14.17
CA GLY B 159 -17.05 1.01 14.80
C GLY B 159 -17.20 0.20 16.09
N THR B 160 -16.10 -0.36 16.59
CA THR B 160 -16.03 -1.01 17.92
C THR B 160 -16.38 0.03 18.99
N MET B 161 -15.61 1.12 19.05
CA MET B 161 -15.77 2.20 20.07
C MET B 161 -16.93 3.11 19.65
N ASN B 162 -17.93 3.27 20.53
CA ASN B 162 -19.09 4.19 20.37
C ASN B 162 -19.26 4.96 21.68
N PHE B 163 -19.57 6.25 21.60
CA PHE B 163 -19.74 7.17 22.77
C PHE B 163 -20.96 8.08 22.57
N GLY B 164 -21.60 8.47 23.67
CA GLY B 164 -22.79 9.34 23.67
C GLY B 164 -23.57 9.21 24.95
N ASP B 165 -24.82 9.69 24.96
CA ASP B 165 -25.72 9.69 26.14
C ASP B 165 -26.11 8.24 26.46
N GLU B 166 -26.19 7.91 27.76
CA GLU B 166 -26.44 6.55 28.29
C GLU B 166 -27.64 5.91 27.58
N GLN B 167 -28.71 6.69 27.35
CA GLN B 167 -30.00 6.19 26.78
C GLN B 167 -29.75 5.67 25.35
N GLU B 168 -29.17 6.52 24.48
CA GLU B 168 -29.00 6.22 23.02
C GLU B 168 -27.92 5.14 22.83
N MET B 169 -27.02 4.96 23.80
CA MET B 169 -25.94 3.92 23.74
C MET B 169 -26.52 2.55 24.12
N LEU B 170 -27.32 2.49 25.19
CA LEU B 170 -28.06 1.25 25.60
C LEU B 170 -29.01 0.82 24.47
N ALA B 171 -29.65 1.78 23.81
CA ALA B 171 -30.53 1.57 22.64
C ALA B 171 -29.72 0.93 21.50
N LEU B 172 -28.51 1.42 21.26
CA LEU B 172 -27.57 0.91 20.22
C LEU B 172 -27.12 -0.50 20.58
N ALA B 173 -26.66 -0.70 21.82
CA ALA B 173 -26.14 -1.98 22.36
C ALA B 173 -27.17 -3.10 22.14
N GLU B 174 -28.44 -2.84 22.48
CA GLU B 174 -29.57 -3.80 22.34
C GLU B 174 -29.74 -4.17 20.85
N LYS B 175 -29.82 -3.16 19.98
CA LYS B 175 -30.07 -3.32 18.52
C LYS B 175 -28.87 -4.03 17.88
N ARG B 176 -27.66 -3.72 18.34
CA ARG B 176 -26.37 -4.27 17.82
C ARG B 176 -26.21 -5.73 18.28
N LEU B 177 -26.49 -6.01 19.56
CA LEU B 177 -26.50 -7.38 20.12
C LEU B 177 -27.40 -8.29 19.28
N ALA B 178 -28.53 -7.76 18.80
CA ALA B 178 -29.56 -8.49 18.00
C ALA B 178 -28.96 -8.92 16.66
N GLU B 179 -28.19 -8.04 15.99
CA GLU B 179 -27.58 -8.32 14.67
C GLU B 179 -26.30 -9.16 14.85
N VAL B 180 -25.51 -8.91 15.89
CA VAL B 180 -24.24 -9.65 16.17
C VAL B 180 -24.56 -11.11 16.50
N LYS B 181 -25.68 -11.36 17.20
CA LYS B 181 -26.14 -12.74 17.58
C LYS B 181 -26.30 -13.61 16.33
N LYS B 182 -26.62 -13.03 15.17
CA LYS B 182 -26.80 -13.78 13.90
C LYS B 182 -25.45 -14.36 13.41
N THR B 183 -24.32 -13.74 13.77
CA THR B 183 -22.95 -14.20 13.42
C THR B 183 -22.32 -14.94 14.61
N TYR B 184 -22.38 -14.34 15.81
CA TYR B 184 -21.86 -14.91 17.08
C TYR B 184 -23.03 -15.16 18.01
N PRO B 185 -23.71 -16.33 17.93
CA PRO B 185 -24.95 -16.58 18.69
C PRO B 185 -24.79 -16.50 20.22
N GLY B 186 -23.57 -16.68 20.74
CA GLY B 186 -23.27 -16.62 22.19
C GLY B 186 -22.84 -15.24 22.64
N ALA B 187 -23.21 -14.19 21.90
CA ALA B 187 -22.84 -12.78 22.20
C ALA B 187 -23.64 -12.29 23.41
N VAL B 188 -23.01 -11.49 24.27
CA VAL B 188 -23.63 -10.90 25.51
C VAL B 188 -23.06 -9.51 25.76
N LEU B 189 -23.80 -8.70 26.53
CA LEU B 189 -23.39 -7.36 27.03
C LEU B 189 -22.88 -7.51 28.47
N GLY B 190 -21.74 -6.87 28.79
CA GLY B 190 -21.09 -6.93 30.10
C GLY B 190 -21.63 -5.87 31.07
N ASP B 191 -22.35 -6.32 32.11
CA ASP B 191 -22.80 -5.50 33.27
C ASP B 191 -23.51 -4.24 32.79
N PRO B 192 -24.50 -4.35 31.86
CA PRO B 192 -25.07 -3.17 31.21
C PRO B 192 -25.90 -2.23 32.12
N ASN B 193 -25.98 -2.52 33.42
CA ASN B 193 -26.75 -1.72 34.42
C ASN B 193 -25.82 -1.05 35.44
N ASP B 194 -24.58 -1.54 35.58
CA ASP B 194 -23.66 -1.18 36.69
C ASP B 194 -22.57 -0.20 36.23
N VAL B 195 -22.30 -0.11 34.92
CA VAL B 195 -21.11 0.60 34.37
C VAL B 195 -21.52 1.53 33.21
N ARG B 196 -20.59 2.38 32.79
CA ARG B 196 -20.74 3.32 31.65
C ARG B 196 -19.83 2.91 30.47
N VAL B 197 -19.04 1.84 30.64
CA VAL B 197 -18.32 1.15 29.52
C VAL B 197 -18.97 -0.23 29.33
N VAL B 198 -19.91 -0.31 28.38
CA VAL B 198 -20.69 -1.55 28.07
C VAL B 198 -19.98 -2.28 26.91
N TYR B 199 -19.22 -3.32 27.26
CA TYR B 199 -18.54 -4.24 26.32
C TYR B 199 -19.54 -5.27 25.79
N LEU B 200 -19.70 -5.36 24.46
CA LEU B 200 -20.32 -6.50 23.76
C LEU B 200 -19.24 -7.56 23.56
N PHE B 201 -19.37 -8.72 24.19
CA PHE B 201 -18.49 -9.90 24.02
C PHE B 201 -19.15 -10.86 23.01
N THR B 202 -18.35 -11.44 22.11
CA THR B 202 -18.81 -12.43 21.10
C THR B 202 -19.13 -13.77 21.78
N ARG B 203 -18.60 -14.00 23.00
CA ARG B 203 -18.75 -15.26 23.77
C ARG B 203 -18.56 -14.97 25.26
N ASP B 204 -18.26 -16.00 26.07
CA ASP B 204 -17.99 -15.92 27.52
C ASP B 204 -17.01 -14.77 27.80
N PRO B 205 -17.44 -13.68 28.48
CA PRO B 205 -16.56 -12.55 28.78
C PRO B 205 -15.25 -12.93 29.48
N LYS B 206 -15.28 -13.99 30.30
CA LYS B 206 -14.12 -14.51 31.07
C LYS B 206 -13.03 -14.98 30.10
N ASP B 207 -13.39 -15.34 28.86
CA ASP B 207 -12.44 -15.78 27.82
C ASP B 207 -11.60 -14.58 27.36
N PHE B 208 -12.20 -13.39 27.27
CA PHE B 208 -11.53 -12.13 26.85
C PHE B 208 -10.51 -11.70 27.91
N TYR B 209 -10.92 -11.67 29.19
CA TYR B 209 -10.07 -11.31 30.36
C TYR B 209 -10.78 -11.74 31.64
N GLU B 210 -10.01 -12.06 32.69
CA GLU B 210 -10.51 -12.56 34.01
C GLU B 210 -11.50 -11.55 34.61
N HIS B 211 -11.17 -10.26 34.58
CA HIS B 211 -11.96 -9.14 35.17
C HIS B 211 -12.72 -8.39 34.07
N ALA B 212 -13.20 -9.11 33.05
CA ALA B 212 -14.01 -8.57 31.93
C ALA B 212 -15.40 -8.14 32.44
N VAL B 213 -15.94 -8.87 33.42
CA VAL B 213 -17.22 -8.56 34.12
C VAL B 213 -16.99 -8.64 35.63
N ALA B 214 -17.97 -8.19 36.43
CA ALA B 214 -17.89 -8.04 37.90
C ALA B 214 -17.72 -9.42 38.56
PB MGD C . 1.90 -8.84 3.92
O1B MGD C . 1.49 -8.84 5.36
O2B MGD C . 3.37 -8.88 3.62
O3B MGD C . 1.32 -7.51 3.24
O3A MGD C . 0.26 -5.55 2.21
PA MGD C . 0.02 -7.12 2.38
O1A MGD C . -1.21 -7.31 3.19
O2A MGD C . 0.13 -7.76 1.04
O5' MGD C . 1.16 -10.03 3.14
C5' MGD C . -0.27 -10.20 3.25
C4' MGD C . -0.63 -11.62 3.59
O4' MGD C . -0.19 -12.52 2.53
C3' MGD C . -0.03 -12.20 4.88
O3' MGD C . -1.07 -12.37 5.85
C2' MGD C . 0.58 -13.55 4.45
O2' MGD C . 0.34 -14.62 5.33
C1' MGD C . -0.14 -13.79 3.13
N9 MGD C . 0.50 -14.74 2.23
C8 MGD C . 1.81 -15.19 2.26
N7 MGD C . 2.09 -16.05 1.30
C5 MGD C . 0.89 -16.18 0.61
C6 MGD C . 0.58 -16.98 -0.52
O6 MGD C . 1.32 -17.74 -1.16
N1 MGD C . -0.75 -16.82 -0.91
C2 MGD C . -1.66 -15.99 -0.29
N2 MGD C . -2.91 -15.98 -0.80
N3 MGD C . -1.37 -15.25 0.78
C4 MGD C . -0.09 -15.39 1.17
C10 MGD C . 1.44 -5.06 1.56
C11 MGD C . 1.45 -3.54 1.61
O11 MGD C . 1.24 -3.16 2.97
C12 MGD C . 2.71 -2.97 1.04
S12 MGD C . 3.22 -3.60 -0.52
C13 MGD C . 3.41 -2.00 1.71
S13 MGD C . 4.94 -1.39 1.11
C14 MGD C . 2.89 -1.37 2.97
N15 MGD C . 3.67 -1.76 4.14
C16 MGD C . 3.09 -1.85 5.40
C17 MGD C . 3.86 -2.11 6.54
O17 MGD C . 5.08 -2.28 6.52
N18 MGD C . 3.19 -2.15 7.74
C19 MGD C . 1.83 -1.96 7.84
N19 MGD C . 1.25 -2.04 9.04
N20 MGD C . 1.10 -1.70 6.76
C21 MGD C . 1.71 -1.66 5.55
N22 MGD C . 0.96 -1.38 4.47
C23 MGD C . 1.40 -1.76 3.15
PB MGD D . 11.63 2.30 4.38
O1B MGD D . 11.37 1.87 5.78
O2B MGD D . 12.85 3.10 4.10
O3B MGD D . 11.66 1.00 3.43
O3A MGD D . 11.47 -0.63 1.56
PA MGD D . 11.97 0.87 1.86
O1A MGD D . 11.14 1.89 1.13
O2A MGD D . 13.45 0.87 1.66
O5' MGD D . 10.32 3.03 3.77
C5' MGD D . 9.87 4.35 4.21
C4' MGD D . 11.01 5.34 4.12
O4' MGD D . 10.51 6.63 3.66
C3' MGD D . 11.73 5.63 5.45
O3' MGD D . 13.14 5.62 5.28
C2' MGD D . 11.20 7.02 5.81
O2' MGD D . 12.04 7.76 6.68
C1' MGD D . 11.14 7.63 4.41
N9 MGD D . 10.39 8.88 4.32
C8 MGD D . 9.21 9.21 4.95
N7 MGD D . 8.78 10.40 4.65
C5 MGD D . 9.73 10.91 3.78
C6 MGD D . 9.80 12.17 3.12
O6 MGD D . 9.01 13.12 3.19
N1 MGD D . 10.94 12.26 2.31
C2 MGD D . 11.89 11.27 2.17
N2 MGD D . 12.92 11.54 1.36
N3 MGD D . 11.82 10.09 2.79
C4 MGD D . 10.72 9.98 3.57
C10 MGD D . 10.11 -0.89 1.13
C11 MGD D . 10.07 -2.18 0.32
O11 MGD D . 10.58 -3.23 1.16
C12 MGD D . 8.70 -2.52 -0.20
S12 MGD D . 7.67 -1.22 -0.79
C13 MGD D . 8.26 -3.82 -0.20
S13 MGD D . 6.65 -4.25 -0.69
C14 MGD D . 9.17 -4.97 0.20
N15 MGD D . 8.63 -5.64 1.37
C16 MGD D . 9.37 -6.61 1.98
C17 MGD D . 8.79 -7.70 2.65
O17 MGD D . 7.58 -7.91 2.73
N18 MGD D . 9.67 -8.60 3.22
C19 MGD D . 11.03 -8.43 3.15
N19 MGD D . 11.80 -9.36 3.75
N20 MGD D . 11.58 -7.41 2.54
C21 MGD D . 10.76 -6.49 1.94
N22 MGD D . 11.33 -5.44 1.30
C23 MGD D . 10.61 -4.49 0.49
FE1 SF4 E . -2.90 3.77 6.61
FE2 SF4 E . -4.89 5.38 7.62
FE3 SF4 E . -2.33 6.04 8.09
FE4 SF4 E . -3.43 3.84 9.30
S1 SF4 E . -4.03 6.00 9.61
S2 SF4 E . -1.38 3.95 8.31
S3 SF4 E . -4.81 3.10 7.62
S4 SF4 E . -3.31 5.97 6.06
W W F . 5.29 -2.25 -1.08
S H2S G . 5.10 -0.07 -1.63
C1 GOL H . -2.27 3.13 -15.13
O1 GOL H . -1.75 2.17 -14.22
C2 GOL H . -1.71 2.93 -16.53
O2 GOL H . -1.48 1.54 -16.75
C3 GOL H . -2.62 3.47 -17.63
O3 GOL H . -3.29 4.67 -17.23
C1 GOL I . -20.33 0.18 -22.99
O1 GOL I . -19.13 0.74 -23.50
C2 GOL I . -21.49 1.13 -23.14
O2 GOL I . -21.63 1.49 -24.52
C3 GOL I . -22.81 0.56 -22.63
O3 GOL I . -23.85 1.51 -22.71
C1 PEG J . -10.25 24.89 -2.83
O1 PEG J . -11.26 25.53 -2.08
C2 PEG J . -10.76 24.27 -4.09
O2 PEG J . -10.73 25.21 -5.15
C3 PEG J . -11.37 24.76 -6.33
C4 PEG J . -12.81 25.18 -6.32
O4 PEG J . -13.61 24.37 -7.16
C1 EDO K . 16.10 -10.61 20.10
O1 EDO K . 15.94 -11.61 21.10
C2 EDO K . 17.18 -9.65 20.39
O2 EDO K . 18.18 -9.62 19.40
O1 OXY L . 5.28 -3.84 -3.18
O2 OXY L . 5.04 -2.66 -3.35
FE1 SF4 M . -10.93 0.06 17.61
FE2 SF4 M . -8.93 -0.14 19.45
FE3 SF4 M . -8.47 -0.88 16.86
FE4 SF4 M . -10.10 -2.43 18.43
S1 SF4 M . -7.88 -2.05 18.72
S2 SF4 M . -10.49 -1.76 16.29
S3 SF4 M . -11.10 -0.80 19.70
S4 SF4 M . -8.97 1.21 17.64
FE1 SF4 N . -15.29 1.20 38.53
FE2 SF4 N . -13.55 2.71 40.04
FE3 SF4 N . -13.10 2.42 37.36
FE4 SF4 N . -12.78 0.28 39.06
S1 SF4 N . -11.56 2.22 39.03
S2 SF4 N . -13.84 0.27 37.04
S3 SF4 N . -14.42 0.67 40.57
S4 SF4 N . -14.89 3.46 38.35
FE1 SF4 O . -9.94 6.64 28.59
FE2 SF4 O . -9.67 8.77 26.90
FE3 SF4 O . -9.93 6.24 25.87
FE4 SF4 O . -7.61 6.96 27.14
S1 SF4 O . -8.43 7.83 25.21
S2 SF4 O . -8.81 5.02 27.43
S3 SF4 O . -8.43 8.35 28.76
S4 SF4 O . -11.48 7.41 27.11
C1 EDO P . -8.37 8.91 36.44
O1 EDO P . -9.72 9.37 36.36
C2 EDO P . -7.36 9.96 36.17
O2 EDO P . -6.07 9.66 36.66
#